data_1QW9
#
_entry.id   1QW9
#
_cell.length_a   179.311
_cell.length_b   179.311
_cell.length_c   100.397
_cell.angle_alpha   90.00
_cell.angle_beta   90.00
_cell.angle_gamma   120.00
#
_symmetry.space_group_name_H-M   'H 3'
#
loop_
_entity.id
_entity.type
_entity.pdbx_description
1 polymer Alpha-L-arabinofuranosidase
2 non-polymer '4-nitrophenyl alpha-L-arabinofuranoside'
3 water water
#
_entity_poly.entity_id   1
_entity_poly.type   'polypeptide(L)'
_entity_poly.pdbx_seq_one_letter_code
;MATKKATMIIEKDFKIAEIDKRIYGSFIEHLGRAVYGGIYEPGHPQADENGFRQDVIELVKELQVPIIRYPGGNFVSGYN
WEDGVGPKEQRPRRLDLAWKSVETNEIGLNEFMDWAKMVGAEVNMAVNLGTRGIDAARNLVEYCNHPSGSYYSDLRIAHG
YKEPHKIKTWCLGNAMDGPWQIGHKTAVEYGRIACEAAKVMKWVDPTIELVVCGSSNRNMPTFAEWEATVLDHTYDHVDY
ISLHQYYGNRDNDTANYLALSLEMDDFIRSVVAIADYVKAKKRSKKTIHLSFDEWNVWYHSNEADKLIEPWTVAPPLLED
IYNFEDALLVGCMLITLMKHADRVKIACLAQLVNVIAPIMTEKNGPAWKQTIYYPFMHASVYGRGVALHPVISSPKYDSK
DFTDVPYLESIAVYNEEKEEVTIFAVNRDMEDALLLECDVRSFEDYRVIEHIVLEHDNVKQTNSAQSSPVVPHRNGDAQL
SDRKVSATLPKLSWNVIRLGKR
;
_entity_poly.pdbx_strand_id   A,B
#
# COMPACT_ATOMS: atom_id res chain seq x y z
N LYS A 5 -9.01 14.56 25.75
CA LYS A 5 -8.80 15.59 24.68
C LYS A 5 -8.21 15.00 23.41
N ALA A 6 -8.78 15.32 22.24
CA ALA A 6 -8.23 14.93 20.94
C ALA A 6 -8.15 16.13 20.01
N THR A 7 -7.18 16.11 19.10
CA THR A 7 -7.08 17.15 18.09
C THR A 7 -7.10 16.56 16.70
N MET A 8 -7.39 17.43 15.75
CA MET A 8 -7.54 17.07 14.36
C MET A 8 -7.14 18.27 13.53
N ILE A 9 -6.42 18.05 12.44
CA ILE A 9 -6.21 19.11 11.46
C ILE A 9 -7.08 18.77 10.27
N ILE A 10 -7.87 19.74 9.81
CA ILE A 10 -8.69 19.58 8.64
C ILE A 10 -8.17 20.54 7.56
N GLU A 11 -7.32 19.99 6.68
CA GLU A 11 -6.70 20.75 5.62
C GLU A 11 -7.25 20.35 4.27
N LYS A 12 -7.96 21.28 3.66
CA LYS A 12 -8.44 21.20 2.29
C LYS A 12 -7.44 20.55 1.32
N ASP A 13 -6.16 20.89 1.45
CA ASP A 13 -5.15 20.40 0.52
C ASP A 13 -4.51 19.08 0.94
N PHE A 14 -4.88 18.52 2.08
CA PHE A 14 -4.44 17.15 2.44
C PHE A 14 -5.61 16.18 2.22
N LYS A 15 -5.70 15.68 1.00
CA LYS A 15 -6.87 14.92 0.52
C LYS A 15 -6.56 13.45 0.31
N ILE A 16 -7.53 12.60 0.59
CA ILE A 16 -7.47 11.19 0.23
C ILE A 16 -7.93 11.00 -1.21
N ALA A 17 -9.20 11.35 -1.50
CA ALA A 17 -9.80 11.18 -2.81
C ALA A 17 -11.22 11.67 -2.78
N GLU A 18 -11.76 11.97 -3.96
CA GLU A 18 -13.21 12.08 -4.12
C GLU A 18 -13.86 10.75 -3.66
N ILE A 19 -14.89 10.86 -2.83
CA ILE A 19 -15.68 9.70 -2.47
C ILE A 19 -16.59 9.30 -3.60
N ASP A 20 -16.50 8.05 -4.01
CA ASP A 20 -17.43 7.48 -4.96
C ASP A 20 -18.72 7.23 -4.21
N LYS A 21 -19.83 7.82 -4.65
CA LYS A 21 -21.08 7.67 -3.92
C LYS A 21 -21.51 6.21 -3.78
N ARG A 22 -21.00 5.32 -4.63
CA ARG A 22 -21.35 3.91 -4.54
C ARG A 22 -20.81 3.23 -3.28
N ILE A 23 -20.00 3.91 -2.45
CA ILE A 23 -19.67 3.35 -1.17
C ILE A 23 -20.86 3.33 -0.22
N TYR A 24 -21.94 4.03 -0.59
CA TYR A 24 -23.19 4.03 0.19
C TYR A 24 -24.24 3.13 -0.42
N GLY A 25 -23.78 2.08 -1.11
CA GLY A 25 -24.69 1.11 -1.67
C GLY A 25 -25.22 0.13 -0.67
N SER A 26 -26.11 -0.74 -1.15
CA SER A 26 -26.65 -1.85 -0.36
C SER A 26 -26.92 -3.08 -1.27
N PHE A 27 -27.74 -4.00 -0.82
CA PHE A 27 -27.76 -5.36 -1.36
C PHE A 27 -29.09 -5.97 -0.95
N ILE A 28 -29.78 -6.57 -1.92
CA ILE A 28 -30.96 -7.39 -1.68
C ILE A 28 -30.77 -8.76 -2.33
N GLU A 29 -30.87 -9.81 -1.53
CA GLU A 29 -30.84 -11.19 -2.00
C GLU A 29 -32.26 -11.76 -1.96
N HIS A 30 -32.50 -12.79 -2.76
CA HIS A 30 -33.64 -13.66 -2.59
C HIS A 30 -33.34 -14.56 -1.39
N LEU A 31 -33.58 -14.01 -0.20
CA LEU A 31 -33.24 -14.59 1.07
C LEU A 31 -34.33 -14.17 2.04
N GLY A 32 -34.97 -15.11 2.74
CA GLY A 32 -35.91 -14.77 3.80
C GLY A 32 -36.99 -13.85 3.27
N ARG A 33 -37.22 -12.76 4.02
CA ARG A 33 -38.27 -11.79 3.70
C ARG A 33 -37.69 -10.49 3.09
N ALA A 34 -36.51 -10.54 2.50
CA ALA A 34 -35.94 -9.35 1.88
C ALA A 34 -36.81 -8.91 0.69
N VAL A 35 -37.17 -9.88 -0.16
CA VAL A 35 -38.02 -9.62 -1.30
C VAL A 35 -39.48 -9.81 -0.92
N TYR A 36 -39.84 -11.03 -0.56
CA TYR A 36 -41.24 -11.38 -0.28
C TYR A 36 -41.60 -11.00 1.14
N GLY A 37 -42.40 -9.95 1.26
CA GLY A 37 -42.72 -9.34 2.55
C GLY A 37 -41.79 -8.20 2.93
N GLY A 38 -40.83 -7.89 2.06
CA GLY A 38 -39.89 -6.81 2.26
C GLY A 38 -40.17 -5.73 1.27
N ILE A 39 -39.53 -5.79 0.10
CA ILE A 39 -39.84 -4.80 -0.93
C ILE A 39 -41.21 -5.05 -1.57
N TYR A 40 -41.67 -6.31 -1.59
CA TYR A 40 -42.83 -6.73 -2.39
C TYR A 40 -43.82 -7.45 -1.52
N GLU A 41 -45.04 -6.91 -1.42
CA GLU A 41 -46.09 -7.51 -0.63
C GLU A 41 -47.44 -7.13 -1.20
N PRO A 42 -47.90 -7.88 -2.19
CA PRO A 42 -49.17 -7.58 -2.82
C PRO A 42 -50.32 -7.44 -1.86
N GLY A 43 -50.41 -8.24 -0.84
CA GLY A 43 -51.53 -7.94 0.08
C GLY A 43 -51.67 -6.55 0.81
N HIS A 44 -50.54 -5.86 0.91
CA HIS A 44 -50.34 -4.84 1.93
C HIS A 44 -51.17 -3.57 1.62
N PRO A 45 -51.81 -2.94 2.63
CA PRO A 45 -52.57 -1.71 2.33
C PRO A 45 -51.78 -0.59 1.70
N GLN A 46 -50.46 -0.56 1.88
CA GLN A 46 -49.61 0.50 1.36
C GLN A 46 -48.84 0.05 0.11
N ALA A 47 -49.25 -1.09 -0.49
CA ALA A 47 -48.61 -1.55 -1.74
C ALA A 47 -49.08 -0.70 -2.91
N ASP A 48 -48.16 -0.48 -3.85
CA ASP A 48 -48.46 0.24 -5.08
C ASP A 48 -49.08 -0.71 -6.09
N GLU A 49 -49.35 -0.20 -7.30
CA GLU A 49 -50.00 -0.99 -8.32
C GLU A 49 -49.24 -2.25 -8.74
N ASN A 50 -47.93 -2.26 -8.50
CA ASN A 50 -47.07 -3.41 -8.83
C ASN A 50 -46.75 -4.29 -7.61
N GLY A 51 -47.39 -4.02 -6.47
CA GLY A 51 -47.19 -4.83 -5.28
C GLY A 51 -46.06 -4.38 -4.37
N PHE A 52 -45.39 -3.32 -4.73
CA PHE A 52 -44.24 -2.84 -3.94
C PHE A 52 -44.72 -2.01 -2.75
N ARG A 53 -44.17 -2.28 -1.59
CA ARG A 53 -44.53 -1.53 -0.40
C ARG A 53 -44.03 -0.11 -0.50
N GLN A 54 -44.97 0.86 -0.42
CA GLN A 54 -44.60 2.25 -0.56
C GLN A 54 -43.83 2.76 0.66
N ASP A 55 -44.15 2.25 1.84
CA ASP A 55 -43.45 2.67 3.03
C ASP A 55 -41.96 2.29 2.96
N VAL A 56 -41.66 1.09 2.46
CA VAL A 56 -40.28 0.65 2.31
C VAL A 56 -39.59 1.53 1.26
N ILE A 57 -40.28 1.83 0.16
CA ILE A 57 -39.73 2.72 -0.85
C ILE A 57 -39.29 4.05 -0.25
N GLU A 58 -40.13 4.66 0.59
CA GLU A 58 -39.76 5.95 1.20
C GLU A 58 -38.57 5.82 2.13
N LEU A 59 -38.52 4.74 2.91
CA LEU A 59 -37.38 4.54 3.81
C LEU A 59 -36.07 4.34 3.06
N VAL A 60 -36.11 3.62 1.93
CA VAL A 60 -34.89 3.47 1.13
C VAL A 60 -34.48 4.80 0.45
N LYS A 61 -35.47 5.54 -0.06
CA LYS A 61 -35.16 6.83 -0.66
C LYS A 61 -34.44 7.79 0.29
N GLU A 62 -34.85 7.76 1.55
CA GLU A 62 -34.28 8.67 2.52
C GLU A 62 -32.79 8.33 2.78
N LEU A 63 -32.42 7.06 2.59
CA LEU A 63 -31.01 6.63 2.71
C LEU A 63 -30.18 7.04 1.49
N GLN A 64 -30.80 7.41 0.38
CA GLN A 64 -30.09 7.84 -0.82
C GLN A 64 -29.06 6.81 -1.31
N VAL A 65 -29.47 5.54 -1.27
CA VAL A 65 -28.63 4.42 -1.68
C VAL A 65 -28.44 4.49 -3.20
N PRO A 66 -27.23 4.64 -3.72
CA PRO A 66 -27.11 4.80 -5.18
C PRO A 66 -27.12 3.52 -6.00
N ILE A 67 -26.74 2.41 -5.38
CA ILE A 67 -26.53 1.14 -6.09
C ILE A 67 -26.94 0.01 -5.15
N ILE A 68 -27.61 -1.01 -5.71
CA ILE A 68 -28.05 -2.17 -4.94
C ILE A 68 -27.63 -3.45 -5.69
N ARG A 69 -26.84 -4.26 -5.00
CA ARG A 69 -26.41 -5.56 -5.51
C ARG A 69 -27.60 -6.53 -5.43
N TYR A 70 -27.69 -7.43 -6.40
CA TYR A 70 -28.85 -8.32 -6.56
C TYR A 70 -28.49 -9.39 -7.59
N PRO A 71 -28.99 -10.64 -7.53
CA PRO A 71 -29.88 -11.22 -6.52
C PRO A 71 -29.21 -12.06 -5.45
N GLY A 72 -27.88 -12.00 -5.40
CA GLY A 72 -27.12 -12.70 -4.40
C GLY A 72 -25.64 -12.45 -4.57
N GLY A 73 -24.83 -12.90 -3.62
CA GLY A 73 -25.20 -13.74 -2.50
C GLY A 73 -25.29 -15.20 -2.85
N ASN A 74 -25.35 -16.02 -1.83
CA ASN A 74 -25.33 -17.46 -2.02
C ASN A 74 -26.43 -17.97 -2.95
N PHE A 75 -27.57 -17.31 -2.94
CA PHE A 75 -28.69 -17.68 -3.81
C PHE A 75 -28.28 -17.75 -5.29
N VAL A 76 -27.48 -16.80 -5.75
CA VAL A 76 -27.24 -16.70 -7.18
C VAL A 76 -26.53 -17.92 -7.76
N SER A 77 -25.76 -18.59 -6.93
CA SER A 77 -24.93 -19.68 -7.40
C SER A 77 -25.70 -20.91 -7.84
N GLY A 78 -26.98 -20.99 -7.50
CA GLY A 78 -27.83 -22.03 -7.99
C GLY A 78 -29.05 -21.58 -8.79
N TYR A 79 -29.08 -20.31 -9.19
CA TYR A 79 -30.23 -19.65 -9.78
C TYR A 79 -30.15 -19.61 -11.30
N ASN A 80 -31.28 -19.85 -11.96
CA ASN A 80 -31.38 -19.70 -13.40
C ASN A 80 -32.20 -18.45 -13.72
N TRP A 81 -31.57 -17.42 -14.29
CA TRP A 81 -32.23 -16.13 -14.51
C TRP A 81 -33.51 -16.24 -15.34
N GLU A 82 -33.56 -17.22 -16.26
CA GLU A 82 -34.72 -17.35 -17.12
C GLU A 82 -35.95 -17.75 -16.32
N ASP A 83 -35.74 -18.40 -15.18
CA ASP A 83 -36.86 -18.82 -14.34
C ASP A 83 -37.66 -17.65 -13.73
N GLY A 84 -37.06 -16.47 -13.72
CA GLY A 84 -37.70 -15.29 -13.15
C GLY A 84 -38.12 -14.24 -14.17
N VAL A 85 -38.11 -14.54 -15.45
CA VAL A 85 -38.63 -13.62 -16.45
C VAL A 85 -39.77 -14.25 -17.24
N GLY A 86 -40.56 -13.39 -17.87
CA GLY A 86 -41.66 -13.86 -18.71
C GLY A 86 -42.92 -14.06 -17.89
N PRO A 87 -43.96 -14.55 -18.57
CA PRO A 87 -45.25 -14.74 -17.90
C PRO A 87 -45.15 -15.61 -16.65
N LYS A 88 -45.86 -15.17 -15.61
CA LYS A 88 -45.77 -15.83 -14.32
C LYS A 88 -46.16 -17.30 -14.38
N GLU A 89 -47.15 -17.67 -15.20
CA GLU A 89 -47.61 -19.07 -15.26
C GLU A 89 -46.53 -20.05 -15.70
N GLN A 90 -45.54 -19.54 -16.44
CA GLN A 90 -44.47 -20.36 -16.94
C GLN A 90 -43.22 -20.34 -16.04
N ARG A 91 -43.25 -19.56 -14.96
CA ARG A 91 -42.10 -19.51 -14.04
C ARG A 91 -42.17 -20.70 -13.08
N PRO A 92 -41.12 -21.50 -13.01
CA PRO A 92 -41.14 -22.71 -12.16
C PRO A 92 -40.88 -22.38 -10.70
N ARG A 93 -41.41 -23.21 -9.82
CA ARG A 93 -41.04 -23.20 -8.40
C ARG A 93 -39.76 -24.02 -8.26
N ARG A 94 -38.78 -23.47 -7.57
CA ARG A 94 -37.47 -24.07 -7.43
C ARG A 94 -37.11 -24.28 -5.95
N LEU A 95 -36.27 -25.29 -5.71
CA LEU A 95 -35.63 -25.46 -4.44
C LEU A 95 -34.38 -24.60 -4.42
N ASP A 96 -34.36 -23.54 -3.61
CA ASP A 96 -33.17 -22.75 -3.37
C ASP A 96 -32.31 -23.50 -2.36
N LEU A 97 -31.20 -24.07 -2.78
CA LEU A 97 -30.35 -24.82 -1.88
C LEU A 97 -29.53 -23.95 -0.96
N ALA A 98 -29.37 -22.68 -1.29
CA ALA A 98 -28.61 -21.76 -0.43
C ALA A 98 -29.27 -21.57 0.91
N TRP A 99 -30.57 -21.29 0.88
CA TRP A 99 -31.31 -20.95 2.11
C TRP A 99 -32.42 -21.98 2.40
N LYS A 100 -32.37 -23.13 1.73
CA LYS A 100 -33.27 -24.24 2.00
C LYS A 100 -34.73 -23.80 1.98
N SER A 101 -35.07 -23.04 0.95
CA SER A 101 -36.38 -22.45 0.79
C SER A 101 -36.97 -22.79 -0.58
N VAL A 102 -38.27 -22.74 -0.73
CA VAL A 102 -38.87 -22.78 -2.06
C VAL A 102 -38.97 -21.37 -2.60
N GLU A 103 -38.37 -21.15 -3.77
CA GLU A 103 -38.40 -19.88 -4.49
C GLU A 103 -39.43 -19.96 -5.58
N THR A 104 -40.45 -19.11 -5.49
CA THR A 104 -41.53 -19.11 -6.46
C THR A 104 -41.20 -18.41 -7.77
N ASN A 105 -40.19 -17.54 -7.72
CA ASN A 105 -39.83 -16.68 -8.84
C ASN A 105 -40.91 -15.70 -9.25
N GLU A 106 -41.82 -15.39 -8.33
CA GLU A 106 -42.85 -14.39 -8.59
C GLU A 106 -42.20 -13.04 -8.82
N ILE A 107 -41.07 -12.78 -8.16
CA ILE A 107 -40.21 -11.66 -8.50
C ILE A 107 -38.97 -12.21 -9.20
N GLY A 108 -38.67 -11.62 -10.35
CA GLY A 108 -37.42 -11.85 -11.04
C GLY A 108 -36.82 -10.56 -11.49
N LEU A 109 -35.84 -10.63 -12.40
CA LEU A 109 -34.99 -9.49 -12.53
C LEU A 109 -35.72 -8.25 -13.07
N ASN A 110 -36.70 -8.42 -13.95
CA ASN A 110 -37.37 -7.24 -14.48
C ASN A 110 -38.20 -6.51 -13.43
N GLU A 111 -38.87 -7.26 -12.57
CA GLU A 111 -39.60 -6.62 -11.47
C GLU A 111 -38.64 -5.98 -10.49
N PHE A 112 -37.48 -6.58 -10.25
CA PHE A 112 -36.50 -5.93 -9.37
C PHE A 112 -36.04 -4.61 -9.98
N MET A 113 -35.80 -4.60 -11.30
CA MET A 113 -35.40 -3.36 -11.95
C MET A 113 -36.49 -2.28 -11.79
N ASP A 114 -37.75 -2.68 -11.88
CA ASP A 114 -38.86 -1.74 -11.67
C ASP A 114 -38.78 -1.13 -10.26
N TRP A 115 -38.52 -1.97 -9.26
CA TRP A 115 -38.41 -1.50 -7.88
C TRP A 115 -37.22 -0.56 -7.71
N ALA A 116 -36.07 -0.96 -8.24
CA ALA A 116 -34.88 -0.15 -8.12
C ALA A 116 -35.11 1.25 -8.71
N LYS A 117 -35.83 1.32 -9.81
CA LYS A 117 -36.18 2.60 -10.42
C LYS A 117 -36.97 3.48 -9.43
N MET A 118 -37.87 2.87 -8.69
CA MET A 118 -38.70 3.62 -7.73
C MET A 118 -37.88 4.19 -6.61
N VAL A 119 -36.81 3.54 -6.19
CA VAL A 119 -35.99 4.03 -5.12
C VAL A 119 -34.81 4.84 -5.61
N GLY A 120 -34.63 4.99 -6.92
CA GLY A 120 -33.57 5.81 -7.46
C GLY A 120 -32.19 5.16 -7.48
N ALA A 121 -32.14 3.82 -7.40
CA ALA A 121 -30.86 3.09 -7.35
C ALA A 121 -30.58 2.40 -8.66
N GLU A 122 -29.33 2.39 -9.08
CA GLU A 122 -28.88 1.44 -10.10
C GLU A 122 -28.67 0.08 -9.46
N VAL A 123 -28.56 -0.94 -10.30
CA VAL A 123 -28.45 -2.32 -9.83
C VAL A 123 -27.09 -2.89 -10.24
N ASN A 124 -26.43 -3.50 -9.26
CA ASN A 124 -25.19 -4.25 -9.46
C ASN A 124 -25.59 -5.72 -9.58
N MET A 125 -25.74 -6.18 -10.81
CA MET A 125 -26.32 -7.49 -11.10
C MET A 125 -25.25 -8.56 -11.03
N ALA A 126 -25.57 -9.66 -10.34
CA ALA A 126 -24.68 -10.82 -10.27
C ALA A 126 -25.12 -11.91 -11.21
N VAL A 127 -24.15 -12.57 -11.85
CA VAL A 127 -24.37 -13.75 -12.66
C VAL A 127 -24.01 -15.02 -11.88
N ASN A 128 -24.69 -16.12 -12.20
CA ASN A 128 -24.42 -17.43 -11.58
C ASN A 128 -23.17 -18.05 -12.21
N LEU A 129 -22.11 -18.24 -11.42
CA LEU A 129 -20.93 -19.00 -11.81
C LEU A 129 -20.72 -20.22 -10.90
N GLY A 130 -21.80 -20.71 -10.32
CA GLY A 130 -21.84 -21.94 -9.53
C GLY A 130 -22.26 -23.12 -10.39
N THR A 131 -23.56 -23.19 -10.68
CA THR A 131 -24.09 -24.19 -11.57
C THR A 131 -24.04 -23.80 -13.04
N ARG A 132 -23.77 -22.55 -13.35
CA ARG A 132 -23.75 -22.06 -14.73
C ARG A 132 -22.43 -21.37 -15.03
N GLY A 133 -22.30 -20.86 -16.24
CA GLY A 133 -21.01 -20.43 -16.76
C GLY A 133 -21.11 -19.35 -17.80
N ILE A 134 -20.25 -19.45 -18.81
CA ILE A 134 -20.04 -18.32 -19.67
C ILE A 134 -21.22 -18.08 -20.62
N ASP A 135 -21.90 -19.14 -21.08
CA ASP A 135 -22.99 -18.93 -22.01
C ASP A 135 -24.11 -18.16 -21.32
N ALA A 136 -24.47 -18.57 -20.11
CA ALA A 136 -25.55 -17.88 -19.42
C ALA A 136 -25.16 -16.44 -19.08
N ALA A 137 -23.88 -16.18 -18.84
CA ALA A 137 -23.40 -14.85 -18.52
C ALA A 137 -23.57 -13.91 -19.72
N ARG A 138 -23.12 -14.32 -20.91
CA ARG A 138 -23.31 -13.48 -22.08
C ARG A 138 -24.77 -13.28 -22.38
N ASN A 139 -25.58 -14.33 -22.26
CA ASN A 139 -27.00 -14.23 -22.60
C ASN A 139 -27.72 -13.27 -21.68
N LEU A 140 -27.38 -13.26 -20.38
CA LEU A 140 -28.04 -12.35 -19.45
C LEU A 140 -27.64 -10.89 -19.76
N VAL A 141 -26.37 -10.65 -20.07
CA VAL A 141 -25.96 -9.30 -20.44
C VAL A 141 -26.68 -8.84 -21.71
N GLU A 142 -26.80 -9.73 -22.69
CA GLU A 142 -27.53 -9.43 -23.91
C GLU A 142 -29.00 -9.08 -23.59
N TYR A 143 -29.65 -9.94 -22.82
CA TYR A 143 -31.04 -9.74 -22.43
C TYR A 143 -31.23 -8.38 -21.79
N CYS A 144 -30.34 -8.03 -20.86
CA CYS A 144 -30.51 -6.79 -20.12
C CYS A 144 -30.10 -5.56 -20.90
N ASN A 145 -29.05 -5.65 -21.69
CA ASN A 145 -28.35 -4.45 -22.20
C ASN A 145 -28.37 -4.23 -23.71
N HIS A 146 -28.58 -5.28 -24.50
CA HIS A 146 -28.57 -5.10 -25.94
C HIS A 146 -29.89 -4.51 -26.38
N PRO A 147 -29.91 -3.50 -27.26
CA PRO A 147 -31.18 -2.82 -27.53
C PRO A 147 -32.29 -3.66 -28.14
N SER A 148 -32.02 -4.38 -29.21
CA SER A 148 -33.03 -5.10 -29.97
C SER A 148 -32.34 -5.83 -31.12
N GLY A 149 -33.07 -6.68 -31.80
CA GLY A 149 -32.59 -7.27 -33.03
C GLY A 149 -31.81 -8.57 -32.84
N SER A 150 -31.83 -9.14 -31.64
CA SER A 150 -31.28 -10.47 -31.38
C SER A 150 -32.32 -11.23 -30.55
N TYR A 151 -32.20 -12.53 -30.48
CA TYR A 151 -33.18 -13.31 -29.71
C TYR A 151 -33.37 -12.82 -28.28
N TYR A 152 -32.30 -12.66 -27.53
CA TYR A 152 -32.47 -12.32 -26.14
C TYR A 152 -32.90 -10.88 -25.89
N SER A 153 -32.45 -9.93 -26.71
CA SER A 153 -32.89 -8.54 -26.59
C SER A 153 -34.37 -8.42 -26.96
N ASP A 154 -34.78 -9.09 -28.03
CA ASP A 154 -36.17 -9.04 -28.44
C ASP A 154 -37.02 -9.78 -27.42
N LEU A 155 -36.47 -10.76 -26.72
CA LEU A 155 -37.18 -11.46 -25.64
C LEU A 155 -37.49 -10.51 -24.49
N ARG A 156 -36.54 -9.69 -24.08
CA ARG A 156 -36.78 -8.70 -23.04
C ARG A 156 -37.90 -7.76 -23.48
N ILE A 157 -37.86 -7.34 -24.73
CA ILE A 157 -38.91 -6.44 -25.26
C ILE A 157 -40.26 -7.15 -25.18
N ALA A 158 -40.35 -8.40 -25.58
CA ALA A 158 -41.57 -9.18 -25.53
C ALA A 158 -42.08 -9.35 -24.11
N HIS A 159 -41.16 -9.40 -23.14
CA HIS A 159 -41.52 -9.51 -21.73
C HIS A 159 -42.03 -8.20 -21.15
N GLY A 160 -42.03 -7.14 -21.94
CA GLY A 160 -42.63 -5.85 -21.59
C GLY A 160 -41.66 -4.74 -21.28
N TYR A 161 -40.37 -4.90 -21.61
CA TYR A 161 -39.35 -3.97 -21.23
C TYR A 161 -38.60 -3.50 -22.49
N LYS A 162 -39.18 -2.52 -23.19
CA LYS A 162 -38.68 -2.08 -24.48
C LYS A 162 -37.27 -1.57 -24.38
N GLU A 163 -37.04 -0.63 -23.49
CA GLU A 163 -35.71 -0.08 -23.35
C GLU A 163 -34.82 -1.03 -22.56
N PRO A 164 -33.57 -1.16 -22.95
CA PRO A 164 -32.67 -1.98 -22.15
C PRO A 164 -32.48 -1.44 -20.75
N HIS A 165 -32.24 -2.33 -19.81
CA HIS A 165 -31.90 -1.95 -18.45
C HIS A 165 -30.58 -1.20 -18.37
N LYS A 166 -29.63 -1.50 -19.25
CA LYS A 166 -28.32 -0.82 -19.30
C LYS A 166 -27.62 -0.85 -17.94
N ILE A 167 -27.44 -2.05 -17.45
CA ILE A 167 -26.76 -2.28 -16.17
C ILE A 167 -25.27 -2.06 -16.35
N LYS A 168 -24.68 -1.19 -15.54
CA LYS A 168 -23.27 -0.85 -15.66
C LYS A 168 -22.34 -1.87 -15.00
N THR A 169 -22.62 -2.23 -13.75
CA THR A 169 -21.65 -2.99 -12.96
C THR A 169 -22.16 -4.36 -12.59
N TRP A 170 -21.36 -5.39 -12.91
CA TRP A 170 -21.79 -6.77 -12.78
C TRP A 170 -20.84 -7.54 -11.87
N CYS A 171 -21.37 -8.44 -11.07
CA CYS A 171 -20.58 -9.34 -10.24
C CYS A 171 -20.45 -10.70 -10.95
N LEU A 172 -19.20 -11.17 -11.01
CA LEU A 172 -18.89 -12.47 -11.60
C LEU A 172 -19.08 -13.57 -10.57
N GLY A 173 -20.32 -14.00 -10.39
CA GLY A 173 -20.63 -14.96 -9.38
C GLY A 173 -20.79 -14.34 -8.02
N ASN A 174 -20.91 -15.21 -7.03
CA ASN A 174 -20.76 -14.89 -5.60
C ASN A 174 -19.54 -15.63 -5.09
N ALA A 175 -19.02 -15.23 -3.94
CA ALA A 175 -17.87 -15.89 -3.37
C ALA A 175 -18.16 -17.36 -3.38
N MET A 176 -17.19 -18.11 -3.94
CA MET A 176 -17.24 -19.49 -4.34
C MET A 176 -16.22 -20.32 -3.55
N ASP A 177 -15.53 -19.69 -2.58
CA ASP A 177 -14.35 -20.25 -1.91
C ASP A 177 -14.81 -21.00 -0.75
N GLY A 178 -16.05 -20.63 -0.37
CA GLY A 178 -16.74 -21.18 0.77
C GLY A 178 -17.25 -22.56 0.40
N PRO A 179 -16.91 -23.55 1.20
CA PRO A 179 -17.38 -24.94 1.03
C PRO A 179 -18.95 -25.15 1.22
N TRP A 180 -19.61 -24.14 1.75
CA TRP A 180 -21.06 -24.05 1.83
C TRP A 180 -21.69 -23.53 0.56
N GLN A 181 -20.91 -23.14 -0.42
CA GLN A 181 -21.45 -22.54 -1.60
C GLN A 181 -21.86 -23.62 -2.60
N ILE A 182 -22.92 -23.32 -3.33
CA ILE A 182 -23.32 -24.15 -4.44
C ILE A 182 -22.27 -23.97 -5.55
N GLY A 183 -21.73 -25.05 -6.09
CA GLY A 183 -20.73 -24.97 -7.12
C GLY A 183 -19.47 -24.26 -6.67
N HIS A 184 -19.02 -24.59 -5.45
CA HIS A 184 -17.69 -24.17 -4.98
C HIS A 184 -16.67 -24.40 -6.05
N LYS A 185 -15.76 -23.43 -6.16
CA LYS A 185 -14.62 -23.53 -7.06
C LYS A 185 -13.36 -23.15 -6.31
N THR A 186 -12.27 -23.81 -6.64
CA THR A 186 -10.94 -23.38 -6.18
C THR A 186 -10.62 -22.03 -6.80
N ALA A 187 -9.58 -21.35 -6.32
CA ALA A 187 -9.24 -20.05 -6.85
C ALA A 187 -8.86 -20.17 -8.31
N VAL A 188 -8.19 -21.24 -8.73
CA VAL A 188 -7.85 -21.41 -10.14
C VAL A 188 -9.11 -21.68 -10.96
N GLU A 189 -9.97 -22.60 -10.52
CA GLU A 189 -11.20 -22.88 -11.28
C GLU A 189 -12.05 -21.63 -11.41
N TYR A 190 -12.20 -20.88 -10.33
CA TYR A 190 -12.97 -19.64 -10.37
C TYR A 190 -12.31 -18.59 -11.22
N GLY A 191 -11.01 -18.40 -11.02
CA GLY A 191 -10.32 -17.40 -11.83
C GLY A 191 -10.50 -17.66 -13.32
N ARG A 192 -10.41 -18.92 -13.74
CA ARG A 192 -10.56 -19.27 -15.12
C ARG A 192 -11.99 -19.00 -15.63
N ILE A 193 -13.02 -19.47 -14.93
CA ILE A 193 -14.36 -19.22 -15.43
C ILE A 193 -14.73 -17.75 -15.36
N ALA A 194 -14.28 -17.04 -14.35
CA ALA A 194 -14.54 -15.61 -14.23
C ALA A 194 -13.86 -14.86 -15.38
N CYS A 195 -12.65 -15.26 -15.75
CA CYS A 195 -11.96 -14.66 -16.88
C CYS A 195 -12.77 -14.80 -18.17
N GLU A 196 -13.19 -16.04 -18.44
CA GLU A 196 -13.88 -16.30 -19.68
C GLU A 196 -15.29 -15.71 -19.71
N ALA A 197 -15.97 -15.65 -18.56
CA ALA A 197 -17.27 -14.97 -18.47
C ALA A 197 -17.10 -13.46 -18.66
N ALA A 198 -16.09 -12.88 -18.01
CA ALA A 198 -15.83 -11.46 -18.13
C ALA A 198 -15.65 -11.03 -19.58
N LYS A 199 -14.90 -11.84 -20.32
CA LYS A 199 -14.64 -11.54 -21.71
C LYS A 199 -15.92 -11.50 -22.51
N VAL A 200 -16.73 -12.55 -22.44
CA VAL A 200 -17.93 -12.57 -23.28
C VAL A 200 -18.94 -11.51 -22.85
N MET A 201 -19.02 -11.20 -21.56
CA MET A 201 -19.91 -10.14 -21.10
C MET A 201 -19.51 -8.79 -21.68
N LYS A 202 -18.21 -8.51 -21.64
CA LYS A 202 -17.69 -7.26 -22.20
C LYS A 202 -17.82 -7.19 -23.70
N TRP A 203 -17.73 -8.32 -24.39
CA TRP A 203 -17.95 -8.35 -25.82
C TRP A 203 -19.39 -8.05 -26.20
N VAL A 204 -20.35 -8.49 -25.39
CA VAL A 204 -21.72 -8.09 -25.61
C VAL A 204 -21.88 -6.57 -25.41
N ASP A 205 -21.32 -6.03 -24.35
CA ASP A 205 -21.47 -4.63 -24.00
C ASP A 205 -20.21 -4.07 -23.36
N PRO A 206 -19.34 -3.46 -24.17
CA PRO A 206 -18.08 -2.95 -23.63
C PRO A 206 -18.19 -1.82 -22.61
N THR A 207 -19.37 -1.27 -22.39
CA THR A 207 -19.52 -0.20 -21.43
C THR A 207 -19.58 -0.73 -19.99
N ILE A 208 -19.76 -2.06 -19.82
CA ILE A 208 -19.89 -2.56 -18.46
C ILE A 208 -18.57 -2.57 -17.71
N GLU A 209 -18.67 -2.71 -16.39
CA GLU A 209 -17.56 -2.98 -15.49
C GLU A 209 -17.83 -4.27 -14.77
N LEU A 210 -16.76 -4.92 -14.32
CA LEU A 210 -16.87 -6.24 -13.69
C LEU A 210 -16.20 -6.27 -12.33
N VAL A 211 -16.85 -6.93 -11.40
CA VAL A 211 -16.34 -7.20 -10.07
C VAL A 211 -16.04 -8.68 -9.98
N VAL A 212 -14.79 -9.01 -9.71
CA VAL A 212 -14.40 -10.39 -9.44
C VAL A 212 -14.48 -10.66 -7.94
N CYS A 213 -14.87 -11.87 -7.56
CA CYS A 213 -15.13 -12.15 -6.16
C CYS A 213 -13.90 -12.50 -5.36
N GLY A 214 -13.77 -11.80 -4.24
CA GLY A 214 -12.81 -12.18 -3.24
C GLY A 214 -13.30 -13.27 -2.30
N SER A 215 -12.59 -13.47 -1.20
CA SER A 215 -12.91 -14.52 -0.25
C SER A 215 -14.26 -14.25 0.43
N SER A 216 -14.87 -15.30 0.91
CA SER A 216 -16.16 -15.14 1.62
C SER A 216 -15.92 -14.47 2.98
N ASN A 217 -14.73 -14.70 3.54
CA ASN A 217 -14.40 -14.26 4.88
C ASN A 217 -12.87 -14.17 4.96
N ARG A 218 -12.39 -13.16 5.66
CA ARG A 218 -10.96 -13.00 5.94
C ARG A 218 -10.38 -14.17 6.72
N ASN A 219 -11.22 -14.93 7.41
CA ASN A 219 -10.78 -16.09 8.17
C ASN A 219 -10.67 -17.38 7.37
N MET A 220 -11.03 -17.35 6.06
CA MET A 220 -10.93 -18.57 5.28
C MET A 220 -9.48 -19.01 5.22
N PRO A 221 -9.20 -20.32 5.23
CA PRO A 221 -7.82 -20.79 5.07
C PRO A 221 -7.15 -20.27 3.80
N THR A 222 -7.91 -20.03 2.73
CA THR A 222 -7.41 -19.52 1.46
C THR A 222 -7.40 -18.00 1.35
N PHE A 223 -7.70 -17.27 2.42
CA PHE A 223 -7.66 -15.84 2.34
C PHE A 223 -6.30 -15.34 1.83
N ALA A 224 -6.33 -14.32 0.97
CA ALA A 224 -5.17 -13.64 0.38
C ALA A 224 -4.59 -14.41 -0.79
N GLU A 225 -4.29 -15.69 -0.55
CA GLU A 225 -3.95 -16.62 -1.63
C GLU A 225 -5.03 -16.59 -2.73
N TRP A 226 -6.29 -16.62 -2.30
CA TRP A 226 -7.43 -16.61 -3.22
C TRP A 226 -7.41 -15.39 -4.12
N GLU A 227 -7.35 -14.20 -3.50
CA GLU A 227 -7.41 -12.97 -4.25
C GLU A 227 -6.24 -12.86 -5.24
N ALA A 228 -5.06 -13.26 -4.82
CA ALA A 228 -3.87 -13.15 -5.69
C ALA A 228 -4.04 -14.07 -6.90
N THR A 229 -4.48 -15.29 -6.68
CA THR A 229 -4.69 -16.24 -7.79
C THR A 229 -5.81 -15.78 -8.73
N VAL A 230 -6.92 -15.35 -8.13
CA VAL A 230 -8.04 -14.91 -8.95
C VAL A 230 -7.68 -13.71 -9.80
N LEU A 231 -7.00 -12.71 -9.22
CA LEU A 231 -6.55 -11.56 -9.99
C LEU A 231 -5.50 -11.96 -11.03
N ASP A 232 -4.64 -12.91 -10.73
CA ASP A 232 -3.68 -13.36 -11.74
C ASP A 232 -4.39 -13.89 -12.99
N HIS A 233 -5.54 -14.50 -12.80
CA HIS A 233 -6.36 -15.03 -13.88
C HIS A 233 -7.24 -14.04 -14.59
N THR A 234 -7.59 -12.93 -13.94
CA THR A 234 -8.63 -12.04 -14.44
C THR A 234 -8.24 -10.58 -14.64
N TYR A 235 -7.03 -10.17 -14.23
CA TYR A 235 -6.66 -8.74 -14.08
C TYR A 235 -7.08 -7.90 -15.28
N ASP A 236 -6.70 -8.34 -16.47
CA ASP A 236 -6.91 -7.55 -17.66
C ASP A 236 -8.37 -7.32 -18.02
N HIS A 237 -9.25 -8.15 -17.46
CA HIS A 237 -10.65 -8.22 -17.85
C HIS A 237 -11.63 -7.72 -16.82
N VAL A 238 -11.15 -7.29 -15.66
CA VAL A 238 -12.03 -6.88 -14.57
C VAL A 238 -11.60 -5.54 -13.99
N ASP A 239 -12.48 -4.95 -13.18
CA ASP A 239 -12.30 -3.58 -12.70
C ASP A 239 -12.21 -3.46 -11.18
N TYR A 240 -12.79 -4.41 -10.46
CA TYR A 240 -12.82 -4.41 -9.02
C TYR A 240 -12.65 -5.82 -8.51
N ILE A 241 -12.16 -5.92 -7.29
CA ILE A 241 -12.19 -7.13 -6.49
C ILE A 241 -13.03 -6.90 -5.26
N SER A 242 -13.82 -7.89 -4.88
CA SER A 242 -14.67 -7.71 -3.73
C SER A 242 -14.09 -8.23 -2.42
N LEU A 243 -14.66 -7.71 -1.33
CA LEU A 243 -14.38 -8.15 0.03
C LEU A 243 -15.67 -8.15 0.79
N HIS A 244 -15.72 -9.03 1.77
CA HIS A 244 -16.88 -9.22 2.61
C HIS A 244 -16.47 -9.30 4.08
N GLN A 245 -17.24 -8.66 4.96
CA GLN A 245 -16.94 -8.71 6.40
C GLN A 245 -18.23 -8.53 7.21
N TYR A 246 -18.46 -9.46 8.12
CA TYR A 246 -19.49 -9.33 9.15
C TYR A 246 -18.85 -9.38 10.54
N TYR A 247 -19.41 -8.59 11.46
CA TYR A 247 -18.93 -8.53 12.86
C TYR A 247 -20.09 -8.85 13.81
N GLY A 248 -19.69 -9.24 15.00
CA GLY A 248 -20.64 -9.47 16.06
C GLY A 248 -19.97 -9.35 17.41
N ASN A 249 -20.79 -9.15 18.45
CA ASN A 249 -20.32 -9.06 19.85
C ASN A 249 -20.74 -10.29 20.62
N ARG A 250 -20.14 -11.43 20.28
CA ARG A 250 -20.51 -12.71 20.88
C ARG A 250 -19.89 -12.97 22.27
N ASP A 251 -19.14 -12.02 22.84
CA ASP A 251 -18.63 -12.20 24.20
C ASP A 251 -18.88 -10.98 25.09
N ASN A 252 -19.84 -10.15 24.69
CA ASN A 252 -20.21 -8.96 25.43
C ASN A 252 -19.03 -8.11 25.91
N ASP A 253 -18.16 -7.76 24.96
CA ASP A 253 -17.02 -6.91 25.20
C ASP A 253 -17.10 -5.70 24.27
N THR A 254 -17.82 -4.69 24.71
CA THR A 254 -18.00 -3.45 23.95
C THR A 254 -16.69 -2.77 23.52
N ALA A 255 -15.69 -2.69 24.39
CA ALA A 255 -14.46 -2.00 24.06
C ALA A 255 -13.73 -2.68 22.89
N ASN A 256 -13.75 -3.99 22.91
CA ASN A 256 -13.12 -4.80 21.86
C ASN A 256 -13.95 -4.71 20.59
N TYR A 257 -15.27 -4.76 20.74
CA TYR A 257 -16.22 -4.70 19.62
C TYR A 257 -16.06 -3.43 18.82
N LEU A 258 -15.99 -2.27 19.47
CA LEU A 258 -15.87 -1.00 18.77
C LEU A 258 -14.52 -0.83 18.09
N ALA A 259 -13.52 -1.61 18.53
CA ALA A 259 -12.21 -1.61 17.92
C ALA A 259 -12.16 -2.38 16.61
N LEU A 260 -13.21 -3.15 16.28
CA LEU A 260 -13.18 -4.04 15.11
C LEU A 260 -12.96 -3.33 13.78
N SER A 261 -13.30 -2.06 13.69
CA SER A 261 -13.05 -1.33 12.46
C SER A 261 -11.54 -1.19 12.20
N LEU A 262 -10.68 -1.30 13.21
CA LEU A 262 -9.24 -1.36 12.97
C LEU A 262 -8.84 -2.58 12.14
N GLU A 263 -9.52 -3.70 12.37
CA GLU A 263 -9.32 -4.90 11.57
C GLU A 263 -9.81 -4.65 10.14
N MET A 264 -10.99 -4.04 10.01
CA MET A 264 -11.50 -3.72 8.67
C MET A 264 -10.49 -2.89 7.89
N ASP A 265 -9.82 -1.96 8.54
CA ASP A 265 -8.84 -1.09 7.92
C ASP A 265 -7.69 -1.93 7.41
N ASP A 266 -7.17 -2.79 8.26
CA ASP A 266 -6.08 -3.65 7.83
C ASP A 266 -6.50 -4.60 6.70
N PHE A 267 -7.72 -5.09 6.73
CA PHE A 267 -8.30 -5.97 5.71
C PHE A 267 -8.32 -5.29 4.30
N ILE A 268 -8.84 -4.07 4.27
CA ILE A 268 -8.82 -3.28 3.08
C ILE A 268 -7.40 -3.07 2.60
N ARG A 269 -6.49 -2.66 3.48
CA ARG A 269 -5.11 -2.45 3.10
C ARG A 269 -4.48 -3.71 2.51
N SER A 270 -4.83 -4.85 3.05
CA SER A 270 -4.30 -6.11 2.54
C SER A 270 -4.79 -6.46 1.14
N VAL A 271 -6.06 -6.21 0.87
CA VAL A 271 -6.61 -6.50 -0.45
C VAL A 271 -6.11 -5.49 -1.46
N VAL A 272 -5.96 -4.22 -1.07
CA VAL A 272 -5.31 -3.25 -1.94
C VAL A 272 -3.88 -3.70 -2.30
N ALA A 273 -3.15 -4.20 -1.32
CA ALA A 273 -1.80 -4.68 -1.54
C ALA A 273 -1.79 -5.82 -2.57
N ILE A 274 -2.74 -6.73 -2.47
CA ILE A 274 -2.81 -7.86 -3.41
C ILE A 274 -3.07 -7.34 -4.82
N ALA A 275 -4.01 -6.41 -4.97
CA ALA A 275 -4.27 -5.83 -6.26
C ALA A 275 -3.02 -5.22 -6.86
N ASP A 276 -2.24 -4.52 -6.04
CA ASP A 276 -1.04 -3.83 -6.53
C ASP A 276 0.12 -4.79 -6.77
N TYR A 277 0.15 -5.90 -6.05
CA TYR A 277 1.09 -6.98 -6.39
C TYR A 277 0.81 -7.47 -7.79
N VAL A 278 -0.44 -7.84 -8.07
CA VAL A 278 -0.75 -8.43 -9.34
C VAL A 278 -0.59 -7.42 -10.47
N LYS A 279 -0.88 -6.15 -10.20
CA LYS A 279 -0.64 -5.10 -11.17
C LYS A 279 0.83 -5.09 -11.60
N ALA A 280 1.73 -5.16 -10.63
CA ALA A 280 3.17 -5.18 -10.92
C ALA A 280 3.59 -6.44 -11.65
N LYS A 281 3.04 -7.58 -11.26
CA LYS A 281 3.36 -8.85 -11.91
C LYS A 281 3.00 -8.79 -13.40
N LYS A 282 1.86 -8.19 -13.70
CA LYS A 282 1.37 -8.06 -15.07
C LYS A 282 1.96 -6.88 -15.83
N ARG A 283 2.66 -5.99 -15.15
CA ARG A 283 3.14 -4.72 -15.74
C ARG A 283 1.96 -3.94 -16.33
N SER A 284 0.83 -3.95 -15.63
CA SER A 284 -0.34 -3.25 -16.11
C SER A 284 -0.33 -1.81 -15.66
N LYS A 285 -0.91 -0.95 -16.48
CA LYS A 285 -1.11 0.44 -16.11
C LYS A 285 -2.46 0.68 -15.44
N LYS A 286 -3.34 -0.33 -15.46
CA LYS A 286 -4.64 -0.22 -14.85
C LYS A 286 -4.56 -0.54 -13.38
N THR A 287 -5.20 0.27 -12.55
CA THR A 287 -5.38 0.01 -11.15
C THR A 287 -6.74 -0.60 -10.88
N ILE A 288 -6.75 -1.67 -10.12
CA ILE A 288 -7.98 -2.36 -9.70
C ILE A 288 -8.40 -1.82 -8.35
N HIS A 289 -9.67 -1.50 -8.21
CA HIS A 289 -10.20 -1.01 -6.98
C HIS A 289 -11.05 -2.05 -6.27
N LEU A 290 -11.57 -1.69 -5.10
CA LEU A 290 -12.25 -2.63 -4.19
C LEU A 290 -13.73 -2.34 -4.21
N SER A 291 -14.51 -3.42 -4.18
CA SER A 291 -15.95 -3.39 -3.91
C SER A 291 -16.22 -4.12 -2.60
N PHE A 292 -16.53 -3.37 -1.54
CA PHE A 292 -16.75 -3.96 -0.25
C PHE A 292 -18.23 -4.37 -0.19
N ASP A 293 -18.58 -5.40 -0.97
CA ASP A 293 -19.97 -5.60 -1.39
C ASP A 293 -20.81 -6.46 -0.44
N GLU A 294 -20.24 -6.87 0.69
CA GLU A 294 -21.03 -7.20 1.86
C GLU A 294 -20.34 -6.71 3.12
N TRP A 295 -21.04 -5.89 3.91
CA TRP A 295 -20.53 -5.52 5.23
C TRP A 295 -21.72 -5.24 6.12
N ASN A 296 -21.60 -5.66 7.38
CA ASN A 296 -22.59 -5.31 8.42
C ASN A 296 -22.21 -6.01 9.72
N VAL A 297 -22.95 -5.65 10.76
CA VAL A 297 -23.11 -6.50 11.92
C VAL A 297 -24.07 -7.65 11.61
N TRP A 298 -23.72 -8.87 11.95
CA TRP A 298 -24.58 -10.02 11.78
C TRP A 298 -24.25 -11.04 12.85
N TYR A 299 -25.12 -11.17 13.84
CA TYR A 299 -25.01 -12.26 14.81
C TYR A 299 -26.25 -12.54 15.66
N HIS A 300 -27.10 -11.54 15.91
CA HIS A 300 -28.21 -11.68 16.88
C HIS A 300 -29.16 -12.82 16.55
N SER A 301 -29.38 -13.08 15.25
CA SER A 301 -30.40 -14.03 14.83
C SER A 301 -29.92 -15.47 14.61
N ASN A 302 -28.67 -15.77 14.96
CA ASN A 302 -28.10 -17.07 14.59
C ASN A 302 -28.85 -18.25 15.20
N GLU A 303 -29.24 -18.14 16.47
CA GLU A 303 -29.95 -19.25 17.11
C GLU A 303 -31.37 -19.45 16.59
N ALA A 304 -32.10 -18.37 16.37
CA ALA A 304 -33.48 -18.45 15.87
C ALA A 304 -33.53 -19.17 14.52
N ASP A 305 -32.56 -18.90 13.65
CA ASP A 305 -32.57 -19.47 12.31
C ASP A 305 -32.47 -21.00 12.32
N LYS A 306 -31.84 -21.56 13.34
CA LYS A 306 -31.67 -23.01 13.45
C LYS A 306 -33.00 -23.76 13.61
N LEU A 307 -34.04 -23.06 14.04
CA LEU A 307 -35.35 -23.70 14.25
C LEU A 307 -36.27 -23.72 13.03
N ILE A 308 -35.87 -23.02 11.97
CA ILE A 308 -36.70 -22.90 10.77
C ILE A 308 -36.65 -24.19 9.94
N GLU A 309 -37.82 -24.73 9.64
CA GLU A 309 -37.91 -25.97 8.86
C GLU A 309 -37.67 -25.66 7.39
N PRO A 310 -37.07 -26.61 6.67
CA PRO A 310 -36.76 -26.35 5.26
C PRO A 310 -37.99 -26.35 4.35
N TRP A 311 -37.84 -25.65 3.24
CA TRP A 311 -38.76 -25.71 2.11
C TRP A 311 -40.04 -24.94 2.34
N THR A 312 -39.96 -23.91 3.17
CA THR A 312 -41.04 -22.93 3.22
C THR A 312 -40.74 -21.78 2.25
N VAL A 313 -41.76 -20.98 2.00
CA VAL A 313 -41.67 -19.78 1.18
C VAL A 313 -41.44 -18.59 2.10
N ALA A 314 -40.38 -17.83 1.84
CA ALA A 314 -40.06 -16.59 2.54
C ALA A 314 -39.96 -16.78 4.07
N PRO A 315 -39.12 -17.70 4.54
CA PRO A 315 -38.95 -17.86 6.00
C PRO A 315 -38.30 -16.61 6.60
N PRO A 316 -38.52 -16.38 7.89
CA PRO A 316 -37.97 -15.17 8.54
C PRO A 316 -36.52 -15.32 8.98
N LEU A 317 -35.62 -15.49 7.99
CA LEU A 317 -34.19 -15.70 8.24
C LEU A 317 -33.39 -14.40 8.39
N LEU A 318 -32.32 -14.46 9.19
CA LEU A 318 -31.30 -13.43 9.31
C LEU A 318 -31.90 -12.12 9.87
N GLU A 319 -32.95 -12.25 10.68
CA GLU A 319 -33.63 -11.06 11.18
C GLU A 319 -33.00 -10.54 12.47
N ASP A 320 -31.75 -10.10 12.38
CA ASP A 320 -31.07 -9.43 13.49
C ASP A 320 -31.86 -8.20 13.90
N ILE A 321 -31.98 -8.01 15.22
CA ILE A 321 -32.52 -6.76 15.77
C ILE A 321 -31.35 -5.99 16.38
N TYR A 322 -31.00 -4.86 15.79
CA TYR A 322 -29.77 -4.16 16.14
C TYR A 322 -29.97 -3.26 17.36
N ASN A 323 -28.87 -3.08 18.09
CA ASN A 323 -28.82 -2.20 19.27
C ASN A 323 -27.95 -0.95 19.06
N PHE A 324 -27.74 -0.13 20.12
CA PHE A 324 -27.05 1.12 19.97
C PHE A 324 -25.56 0.88 19.65
N GLU A 325 -24.94 -0.05 20.37
CA GLU A 325 -23.52 -0.29 20.10
C GLU A 325 -23.30 -0.78 18.67
N ASP A 326 -24.26 -1.52 18.13
CA ASP A 326 -24.16 -1.96 16.73
C ASP A 326 -24.12 -0.72 15.82
N ALA A 327 -24.95 0.29 16.12
CA ALA A 327 -24.90 1.54 15.37
C ALA A 327 -23.54 2.24 15.46
N LEU A 328 -22.90 2.27 16.65
CA LEU A 328 -21.58 2.88 16.76
C LEU A 328 -20.54 2.17 15.88
N LEU A 329 -20.58 0.86 15.92
CA LEU A 329 -19.65 0.12 15.06
C LEU A 329 -19.93 0.36 13.59
N VAL A 330 -21.18 0.33 13.19
CA VAL A 330 -21.51 0.67 11.81
C VAL A 330 -20.95 2.07 11.45
N GLY A 331 -21.07 3.04 12.38
CA GLY A 331 -20.48 4.36 12.14
C GLY A 331 -18.98 4.25 11.90
N CYS A 332 -18.32 3.47 12.76
CA CYS A 332 -16.85 3.28 12.61
C CYS A 332 -16.48 2.62 11.27
N MET A 333 -17.31 1.68 10.85
CA MET A 333 -17.12 1.02 9.55
C MET A 333 -17.30 2.01 8.39
N LEU A 334 -18.31 2.88 8.49
CA LEU A 334 -18.52 3.89 7.49
C LEU A 334 -17.31 4.82 7.38
N ILE A 335 -16.82 5.32 8.53
CA ILE A 335 -15.66 6.19 8.53
C ILE A 335 -14.44 5.48 7.92
N THR A 336 -14.34 4.20 8.19
CA THR A 336 -13.26 3.37 7.64
C THR A 336 -13.36 3.25 6.11
N LEU A 337 -14.56 3.08 5.59
CA LEU A 337 -14.74 3.12 4.14
C LEU A 337 -14.33 4.46 3.56
N MET A 338 -14.79 5.58 4.18
CA MET A 338 -14.46 6.92 3.70
C MET A 338 -12.95 7.15 3.70
N LYS A 339 -12.30 6.64 4.74
CA LYS A 339 -10.84 6.82 4.83
C LYS A 339 -10.07 6.06 3.77
N HIS A 340 -10.75 5.12 3.12
CA HIS A 340 -10.19 4.34 2.00
C HIS A 340 -10.86 4.71 0.68
N ALA A 341 -11.41 5.92 0.59
CA ALA A 341 -12.06 6.38 -0.64
C ALA A 341 -11.19 6.34 -1.87
N ASP A 342 -9.87 6.38 -1.70
CA ASP A 342 -8.96 6.29 -2.82
C ASP A 342 -9.02 4.94 -3.55
N ARG A 343 -9.33 3.87 -2.82
CA ARG A 343 -9.35 2.52 -3.42
C ARG A 343 -10.63 1.73 -3.23
N VAL A 344 -11.50 2.08 -2.30
CA VAL A 344 -12.81 1.44 -2.15
C VAL A 344 -13.80 2.33 -2.87
N LYS A 345 -14.32 1.85 -3.99
CA LYS A 345 -15.21 2.61 -4.84
C LYS A 345 -16.67 2.21 -4.80
N ILE A 346 -16.94 1.00 -4.32
CA ILE A 346 -18.30 0.48 -4.16
C ILE A 346 -18.32 -0.19 -2.79
N ALA A 347 -19.43 -0.08 -2.07
CA ALA A 347 -19.64 -0.84 -0.87
C ALA A 347 -21.13 -1.08 -0.69
N CYS A 348 -21.48 -2.20 -0.07
CA CYS A 348 -22.87 -2.58 0.04
C CYS A 348 -23.15 -3.07 1.43
N LEU A 349 -23.97 -2.29 2.14
CA LEU A 349 -24.50 -2.73 3.43
C LEU A 349 -25.38 -3.97 3.18
N ALA A 350 -25.05 -5.10 3.82
CA ALA A 350 -25.72 -6.37 3.59
C ALA A 350 -26.64 -6.57 4.79
N GLN A 351 -27.96 -6.47 4.65
CA GLN A 351 -28.76 -6.22 3.44
C GLN A 351 -29.75 -5.11 3.75
N LEU A 352 -30.57 -4.75 2.77
CA LEU A 352 -31.31 -3.49 2.85
C LEU A 352 -32.63 -3.59 3.62
N VAL A 353 -33.31 -4.73 3.50
CA VAL A 353 -34.66 -4.88 4.05
C VAL A 353 -34.82 -6.26 4.68
N ASN A 354 -35.21 -6.29 5.96
CA ASN A 354 -35.50 -7.47 6.79
C ASN A 354 -34.30 -8.34 7.16
N VAL A 355 -33.48 -8.66 6.17
CA VAL A 355 -32.33 -9.53 6.30
C VAL A 355 -31.13 -8.68 6.69
N ILE A 356 -30.67 -8.87 7.94
CA ILE A 356 -29.59 -8.11 8.54
C ILE A 356 -29.60 -6.66 8.05
N ALA A 357 -30.69 -5.97 8.42
CA ALA A 357 -31.11 -4.80 7.66
C ALA A 357 -31.36 -3.57 8.52
N PRO A 358 -31.15 -2.38 7.95
CA PRO A 358 -31.54 -1.12 8.61
C PRO A 358 -33.04 -0.83 8.59
N ILE A 359 -33.79 -1.55 7.78
CA ILE A 359 -35.24 -1.41 7.62
C ILE A 359 -35.89 -2.76 7.87
N MET A 360 -36.88 -2.79 8.77
CA MET A 360 -37.60 -3.99 9.11
C MET A 360 -39.08 -3.81 8.84
N THR A 361 -39.77 -4.87 8.45
CA THR A 361 -41.22 -4.83 8.19
C THR A 361 -41.96 -5.91 8.92
N GLU A 362 -43.26 -5.65 9.12
CA GLU A 362 -44.20 -6.61 9.63
C GLU A 362 -45.26 -6.86 8.57
N LYS A 363 -45.72 -8.11 8.46
CA LYS A 363 -46.74 -8.48 7.50
C LYS A 363 -48.03 -7.68 7.75
N ASN A 364 -48.50 -7.07 6.67
CA ASN A 364 -49.68 -6.20 6.70
C ASN A 364 -49.54 -5.03 7.65
N GLY A 365 -48.34 -4.78 8.15
CA GLY A 365 -48.08 -3.83 9.22
C GLY A 365 -46.94 -2.87 8.90
N PRO A 366 -46.37 -2.25 9.92
CA PRO A 366 -45.43 -1.16 9.70
C PRO A 366 -44.05 -1.60 9.25
N ALA A 367 -43.37 -0.62 8.69
CA ALA A 367 -41.92 -0.68 8.44
C ALA A 367 -41.23 0.31 9.37
N TRP A 368 -40.06 -0.05 9.91
CA TRP A 368 -39.36 0.81 10.84
C TRP A 368 -37.85 0.79 10.69
N LYS A 369 -37.23 1.79 11.28
CA LYS A 369 -35.79 2.04 11.20
C LYS A 369 -35.06 1.43 12.38
N GLN A 370 -34.13 0.50 12.12
CA GLN A 370 -33.27 -0.02 13.13
C GLN A 370 -32.24 1.06 13.55
N THR A 371 -31.56 0.77 14.66
CA THR A 371 -30.54 1.70 15.17
C THR A 371 -29.50 2.04 14.10
N ILE A 372 -29.12 1.03 13.29
CA ILE A 372 -28.07 1.19 12.26
C ILE A 372 -28.48 2.06 11.09
N TYR A 373 -29.80 2.29 10.94
CA TYR A 373 -30.30 3.14 9.89
C TYR A 373 -29.64 4.52 9.96
N TYR A 374 -29.53 5.06 11.18
CA TYR A 374 -29.16 6.47 11.38
C TYR A 374 -27.74 6.83 10.95
N PRO A 375 -26.69 6.12 11.40
CA PRO A 375 -25.34 6.44 10.92
C PRO A 375 -25.20 6.22 9.41
N PHE A 376 -25.89 5.19 8.89
CA PHE A 376 -25.83 4.95 7.44
C PHE A 376 -26.45 6.12 6.67
N MET A 377 -27.63 6.56 7.11
CA MET A 377 -28.29 7.71 6.51
C MET A 377 -27.38 8.95 6.57
N HIS A 378 -26.78 9.20 7.74
CA HIS A 378 -25.98 10.43 7.88
C HIS A 378 -24.76 10.39 6.97
N ALA A 379 -24.13 9.20 6.84
CA ALA A 379 -22.95 9.06 6.00
C ALA A 379 -23.30 9.29 4.55
N SER A 380 -24.40 8.63 4.12
CA SER A 380 -24.83 8.73 2.74
C SER A 380 -25.25 10.18 2.37
N VAL A 381 -26.01 10.82 3.25
CA VAL A 381 -26.60 12.14 2.93
C VAL A 381 -25.57 13.28 3.06
N TYR A 382 -24.72 13.18 4.07
CA TYR A 382 -23.73 14.25 4.34
C TYR A 382 -22.29 13.95 3.95
N GLY A 383 -22.06 12.73 3.47
CA GLY A 383 -20.74 12.22 3.13
C GLY A 383 -20.38 12.20 1.67
N ARG A 384 -20.93 13.10 0.87
CA ARG A 384 -20.55 13.25 -0.54
C ARG A 384 -19.52 14.38 -0.66
N GLY A 385 -18.47 14.16 -1.43
CA GLY A 385 -17.43 15.16 -1.65
C GLY A 385 -16.06 14.50 -1.59
N VAL A 386 -15.08 15.19 -1.06
CA VAL A 386 -13.72 14.70 -1.00
C VAL A 386 -13.40 14.32 0.44
N ALA A 387 -12.87 13.10 0.61
CA ALA A 387 -12.42 12.65 1.91
C ALA A 387 -11.06 13.26 2.22
N LEU A 388 -10.92 13.90 3.38
CA LEU A 388 -9.67 14.56 3.75
C LEU A 388 -8.86 13.67 4.68
N HIS A 389 -7.53 13.77 4.59
CA HIS A 389 -6.68 12.93 5.40
C HIS A 389 -6.77 13.33 6.84
N PRO A 390 -7.13 12.39 7.72
CA PRO A 390 -7.16 12.66 9.14
C PRO A 390 -5.74 12.70 9.70
N VAL A 391 -5.33 13.86 10.17
CA VAL A 391 -4.24 13.95 11.11
C VAL A 391 -4.88 14.15 12.46
N ILE A 392 -4.80 13.09 13.24
CA ILE A 392 -5.48 13.01 14.50
C ILE A 392 -4.42 12.74 15.54
N SER A 393 -4.56 13.41 16.66
CA SER A 393 -3.89 12.99 17.86
C SER A 393 -4.97 12.69 18.86
N SER A 394 -4.99 11.44 19.34
CA SER A 394 -6.07 10.98 20.18
C SER A 394 -5.53 10.10 21.27
N PRO A 395 -6.15 10.13 22.45
CA PRO A 395 -5.85 9.14 23.47
C PRO A 395 -6.26 7.78 22.97
N LYS A 396 -5.78 6.74 23.62
CA LYS A 396 -5.89 5.39 23.10
C LYS A 396 -6.05 4.39 24.22
N TYR A 397 -6.54 3.19 23.87
CA TYR A 397 -6.72 2.09 24.81
C TYR A 397 -6.38 0.73 24.22
N ASP A 398 -6.19 -0.26 25.09
CA ASP A 398 -5.92 -1.64 24.70
C ASP A 398 -7.12 -2.49 25.04
N SER A 399 -7.42 -3.42 24.15
CA SER A 399 -8.49 -4.41 24.37
C SER A 399 -7.91 -5.79 24.15
N LYS A 400 -8.76 -6.78 24.28
CA LYS A 400 -8.38 -8.18 24.13
C LYS A 400 -7.60 -8.47 22.84
N ASP A 401 -8.09 -7.96 21.71
CA ASP A 401 -7.56 -8.29 20.39
C ASP A 401 -6.85 -7.14 19.70
N PHE A 402 -6.83 -5.96 20.33
CA PHE A 402 -6.23 -4.77 19.69
C PHE A 402 -5.44 -3.93 20.67
N THR A 403 -4.38 -3.29 20.17
CA THR A 403 -3.59 -2.37 20.96
C THR A 403 -3.62 -0.99 20.34
N ASP A 404 -3.54 0.04 21.20
CA ASP A 404 -3.50 1.44 20.79
C ASP A 404 -4.72 1.81 19.93
N VAL A 405 -5.89 1.45 20.43
CA VAL A 405 -7.16 1.81 19.79
C VAL A 405 -7.47 3.28 20.09
N PRO A 406 -7.54 4.16 19.09
CA PRO A 406 -7.89 5.56 19.37
C PRO A 406 -9.30 5.66 19.90
N TYR A 407 -9.52 6.47 20.92
CA TYR A 407 -10.87 6.72 21.36
C TYR A 407 -11.65 7.45 20.26
N LEU A 408 -10.96 8.28 19.46
CA LEU A 408 -11.59 9.02 18.38
C LEU A 408 -11.45 8.26 17.06
N GLU A 409 -12.59 8.04 16.41
CA GLU A 409 -12.62 7.56 15.01
C GLU A 409 -13.27 8.69 14.24
N SER A 410 -12.58 9.32 13.33
CA SER A 410 -13.13 10.47 12.62
C SER A 410 -12.50 10.72 11.26
N ILE A 411 -13.27 11.36 10.40
CA ILE A 411 -12.82 11.92 9.14
C ILE A 411 -13.72 13.10 8.83
N ALA A 412 -13.19 14.02 8.04
CA ALA A 412 -13.93 15.10 7.45
C ALA A 412 -14.08 14.94 5.96
N VAL A 413 -15.26 15.30 5.44
CA VAL A 413 -15.56 15.30 4.02
C VAL A 413 -15.89 16.74 3.58
N TYR A 414 -15.22 17.21 2.54
CA TYR A 414 -15.43 18.55 1.98
C TYR A 414 -16.19 18.47 0.66
N ASN A 415 -17.33 19.14 0.60
CA ASN A 415 -18.13 19.23 -0.62
C ASN A 415 -18.00 20.65 -1.17
N GLU A 416 -17.22 20.83 -2.23
CA GLU A 416 -16.92 22.16 -2.77
C GLU A 416 -18.15 22.80 -3.41
N GLU A 417 -18.93 21.99 -4.12
CA GLU A 417 -20.15 22.49 -4.76
C GLU A 417 -21.16 23.05 -3.75
N LYS A 418 -21.33 22.38 -2.61
CA LYS A 418 -22.29 22.78 -1.59
C LYS A 418 -21.66 23.75 -0.60
N GLU A 419 -20.34 23.93 -0.70
CA GLU A 419 -19.54 24.70 0.26
C GLU A 419 -19.82 24.23 1.67
N GLU A 420 -19.63 22.92 1.89
CA GLU A 420 -19.85 22.28 3.19
C GLU A 420 -18.67 21.39 3.58
N VAL A 421 -18.42 21.28 4.87
CA VAL A 421 -17.43 20.37 5.42
C VAL A 421 -18.15 19.65 6.54
N THR A 422 -18.15 18.32 6.51
CA THR A 422 -18.78 17.53 7.53
C THR A 422 -17.78 16.65 8.23
N ILE A 423 -17.81 16.68 9.55
CA ILE A 423 -16.95 15.91 10.41
C ILE A 423 -17.75 14.78 11.00
N PHE A 424 -17.40 13.55 10.65
CA PHE A 424 -17.97 12.36 11.26
C PHE A 424 -17.07 11.89 12.34
N ALA A 425 -17.60 11.59 13.52
CA ALA A 425 -16.75 11.27 14.66
C ALA A 425 -17.49 10.33 15.61
N VAL A 426 -16.84 9.24 15.96
CA VAL A 426 -17.25 8.34 17.01
C VAL A 426 -16.31 8.52 18.21
N ASN A 427 -16.88 8.65 19.40
CA ASN A 427 -16.13 8.54 20.65
C ASN A 427 -16.38 7.16 21.22
N ARG A 428 -15.36 6.32 21.18
CA ARG A 428 -15.43 4.96 21.69
C ARG A 428 -15.39 4.85 23.23
N ASP A 429 -14.99 5.92 23.90
CA ASP A 429 -14.81 5.92 25.36
C ASP A 429 -16.12 5.55 26.05
N MET A 430 -16.08 4.50 26.87
CA MET A 430 -17.27 4.00 27.56
C MET A 430 -17.65 4.80 28.81
N GLU A 431 -16.78 5.72 29.23
CA GLU A 431 -16.98 6.43 30.49
C GLU A 431 -16.95 7.96 30.37
N ASP A 432 -16.08 8.49 29.51
CA ASP A 432 -15.82 9.93 29.48
C ASP A 432 -16.07 10.58 28.11
N ALA A 433 -16.49 11.83 28.15
CA ALA A 433 -16.54 12.69 26.97
C ALA A 433 -15.14 12.96 26.44
N LEU A 434 -15.09 13.22 25.14
CA LEU A 434 -13.87 13.56 24.47
C LEU A 434 -14.02 14.98 23.98
N LEU A 435 -13.09 15.85 24.35
CA LEU A 435 -13.10 17.23 23.90
C LEU A 435 -12.28 17.34 22.61
N LEU A 436 -12.96 17.46 21.48
CA LEU A 436 -12.32 17.50 20.18
C LEU A 436 -12.05 18.94 19.79
N GLU A 437 -10.81 19.20 19.36
CA GLU A 437 -10.45 20.46 18.74
C GLU A 437 -9.96 20.24 17.32
N CYS A 438 -10.58 20.91 16.35
CA CYS A 438 -10.21 20.80 14.92
C CYS A 438 -9.68 22.12 14.34
N ASP A 439 -8.46 22.08 13.83
CA ASP A 439 -7.87 23.22 13.16
C ASP A 439 -8.44 23.30 11.73
N VAL A 440 -9.29 24.31 11.51
CA VAL A 440 -9.98 24.52 10.24
C VAL A 440 -9.58 25.86 9.58
N ARG A 441 -8.36 26.29 9.84
CA ARG A 441 -7.80 27.50 9.23
C ARG A 441 -7.83 27.49 7.71
N SER A 442 -7.74 26.30 7.11
CA SER A 442 -7.70 26.17 5.66
C SER A 442 -9.04 26.51 4.98
N PHE A 443 -10.11 26.53 5.76
CA PHE A 443 -11.43 26.98 5.29
C PHE A 443 -11.73 28.35 5.88
N GLU A 444 -11.99 29.32 5.02
CA GLU A 444 -12.29 30.69 5.44
C GLU A 444 -13.79 30.94 5.41
N ASP A 445 -14.30 31.64 6.42
CA ASP A 445 -15.71 32.07 6.48
C ASP A 445 -16.71 30.93 6.72
N TYR A 446 -16.28 29.84 7.37
CA TYR A 446 -17.19 28.74 7.68
C TYR A 446 -17.81 28.96 9.06
N ARG A 447 -18.98 28.35 9.27
CA ARG A 447 -19.67 28.34 10.56
C ARG A 447 -20.25 26.96 10.79
N VAL A 448 -20.59 26.67 12.03
CA VAL A 448 -21.33 25.45 12.38
C VAL A 448 -22.81 25.56 12.06
N ILE A 449 -23.30 24.69 11.19
CA ILE A 449 -24.71 24.57 10.90
C ILE A 449 -25.40 23.83 12.03
N GLU A 450 -24.89 22.64 12.36
CA GLU A 450 -25.45 21.83 13.42
C GLU A 450 -24.50 20.72 13.84
N HIS A 451 -24.77 20.12 15.00
CA HIS A 451 -24.00 19.03 15.53
C HIS A 451 -25.00 17.95 15.96
N ILE A 452 -25.11 16.92 15.11
CA ILE A 452 -26.03 15.81 15.35
C ILE A 452 -25.34 14.77 16.21
N VAL A 453 -26.07 14.20 17.14
CA VAL A 453 -25.57 13.22 18.07
C VAL A 453 -26.48 12.02 18.19
N LEU A 454 -25.93 10.82 18.01
CA LEU A 454 -26.63 9.60 18.35
C LEU A 454 -25.97 9.01 19.55
N GLU A 455 -26.74 8.93 20.65
CA GLU A 455 -26.27 8.40 21.91
C GLU A 455 -27.42 7.75 22.67
N HIS A 456 -27.08 6.76 23.49
CA HIS A 456 -28.04 6.15 24.41
C HIS A 456 -27.26 5.55 25.59
N ASP A 457 -27.82 5.69 26.78
CA ASP A 457 -27.21 5.17 28.01
C ASP A 457 -27.06 3.65 28.08
N ASN A 458 -27.82 2.91 27.27
CA ASN A 458 -27.78 1.47 27.28
C ASN A 458 -27.36 0.97 25.89
N VAL A 459 -26.14 0.44 25.79
CA VAL A 459 -25.63 -0.01 24.49
C VAL A 459 -26.44 -1.14 23.90
N LYS A 460 -27.15 -1.91 24.72
CA LYS A 460 -27.99 -3.02 24.28
C LYS A 460 -29.42 -2.64 23.91
N GLN A 461 -29.76 -1.35 24.00
CA GLN A 461 -31.09 -0.90 23.63
C GLN A 461 -31.33 -1.02 22.11
N THR A 462 -32.48 -1.58 21.77
CA THR A 462 -32.93 -1.74 20.37
C THR A 462 -34.07 -0.78 20.03
N ASN A 463 -34.36 -0.64 18.74
CA ASN A 463 -35.59 -0.04 18.26
C ASN A 463 -36.60 -1.13 17.95
N SER A 464 -37.84 -0.73 17.66
CA SER A 464 -38.89 -1.67 17.33
C SER A 464 -40.01 -0.96 16.59
N ALA A 465 -41.00 -1.73 16.09
CA ALA A 465 -42.14 -1.13 15.39
C ALA A 465 -42.88 -0.09 16.27
N GLN A 466 -42.96 -0.40 17.56
CA GLN A 466 -43.75 0.32 18.57
C GLN A 466 -43.07 1.55 19.16
N SER A 467 -41.76 1.49 19.33
CA SER A 467 -40.99 2.60 19.91
C SER A 467 -39.54 2.55 19.52
N SER A 468 -38.98 3.75 19.32
CA SER A 468 -37.59 3.94 18.92
C SER A 468 -36.88 4.87 19.88
N PRO A 469 -36.41 4.32 20.98
CA PRO A 469 -35.63 5.11 21.94
C PRO A 469 -34.25 5.54 21.46
N VAL A 470 -33.72 4.85 20.45
CA VAL A 470 -32.41 5.16 19.89
C VAL A 470 -32.60 5.96 18.60
N VAL A 471 -32.52 7.28 18.73
CA VAL A 471 -32.71 8.21 17.62
C VAL A 471 -31.80 9.43 17.78
N PRO A 472 -31.39 10.05 16.69
CA PRO A 472 -30.53 11.23 16.79
C PRO A 472 -31.21 12.44 17.39
N HIS A 473 -30.37 13.33 17.86
CA HIS A 473 -30.79 14.66 18.28
C HIS A 473 -29.80 15.70 17.74
N ARG A 474 -30.12 16.99 17.83
CA ARG A 474 -29.35 18.06 17.19
C ARG A 474 -28.79 19.05 18.23
N ASN A 475 -28.59 18.55 19.43
CA ASN A 475 -28.14 19.38 20.55
C ASN A 475 -26.65 19.25 20.86
N GLY A 476 -25.85 18.81 19.89
CA GLY A 476 -24.42 18.83 20.07
C GLY A 476 -23.91 20.26 20.21
N ASP A 477 -22.78 20.43 20.92
CA ASP A 477 -22.27 21.77 21.28
C ASP A 477 -21.15 22.34 20.40
N ALA A 478 -20.89 21.74 19.24
CA ALA A 478 -19.80 22.21 18.40
C ALA A 478 -19.93 23.70 18.17
N GLN A 479 -18.79 24.39 18.27
CA GLN A 479 -18.70 25.82 18.01
C GLN A 479 -17.40 26.12 17.29
N LEU A 480 -17.44 27.09 16.38
CA LEU A 480 -16.28 27.47 15.60
C LEU A 480 -15.84 28.89 15.96
N SER A 481 -14.62 29.02 16.45
CA SER A 481 -14.03 30.29 16.91
C SER A 481 -12.53 30.33 16.59
N ASP A 482 -12.04 31.51 16.20
CA ASP A 482 -10.70 31.72 15.63
C ASP A 482 -10.13 30.48 14.90
N ARG A 483 -10.87 30.08 13.87
CA ARG A 483 -10.46 29.02 12.96
C ARG A 483 -10.28 27.64 13.63
N LYS A 484 -11.00 27.41 14.73
CA LYS A 484 -10.96 26.15 15.49
C LYS A 484 -12.37 25.67 15.79
N VAL A 485 -12.73 24.45 15.39
CA VAL A 485 -13.96 23.84 15.87
C VAL A 485 -13.69 23.13 17.19
N SER A 486 -14.42 23.49 18.25
CA SER A 486 -14.39 22.78 19.52
C SER A 486 -15.73 22.11 19.76
N ALA A 487 -15.69 20.81 20.04
CA ALA A 487 -16.92 20.04 20.22
C ALA A 487 -16.74 18.98 21.29
N THR A 488 -17.73 18.87 22.15
CA THR A 488 -17.79 17.81 23.13
C THR A 488 -18.44 16.59 22.46
N LEU A 489 -17.72 15.49 22.43
CA LEU A 489 -18.25 14.22 21.88
C LEU A 489 -18.63 13.40 23.11
N PRO A 490 -19.92 13.22 23.42
CA PRO A 490 -20.29 12.41 24.60
C PRO A 490 -19.71 11.00 24.58
N LYS A 491 -19.59 10.39 25.74
CA LYS A 491 -19.17 9.00 25.84
C LYS A 491 -20.04 8.18 24.87
N LEU A 492 -19.45 7.17 24.22
CA LEU A 492 -20.15 6.24 23.33
C LEU A 492 -21.14 6.94 22.41
N SER A 493 -20.61 7.77 21.51
CA SER A 493 -21.47 8.57 20.66
C SER A 493 -21.00 8.58 19.20
N TRP A 494 -21.99 8.69 18.33
CA TRP A 494 -21.84 9.02 16.94
C TRP A 494 -22.20 10.48 16.73
N ASN A 495 -21.35 11.22 16.07
CA ASN A 495 -21.46 12.66 15.86
C ASN A 495 -21.27 13.05 14.43
N VAL A 496 -22.09 13.98 13.96
CA VAL A 496 -21.99 14.56 12.64
C VAL A 496 -22.00 16.08 12.85
N ILE A 497 -20.85 16.68 12.66
CA ILE A 497 -20.68 18.13 12.77
C ILE A 497 -20.65 18.75 11.40
N ARG A 498 -21.70 19.50 11.07
CA ARG A 498 -21.86 20.06 9.76
C ARG A 498 -21.45 21.53 9.78
N LEU A 499 -20.55 21.89 8.90
CA LEU A 499 -20.08 23.26 8.68
C LEU A 499 -20.44 23.76 7.28
N GLY A 500 -20.76 25.05 7.17
CA GLY A 500 -21.03 25.67 5.89
C GLY A 500 -20.75 27.15 5.83
N LYS A 501 -21.11 27.73 4.68
CA LYS A 501 -21.13 29.17 4.38
C LYS A 501 -19.76 29.63 3.90
N LYS B 5 6.12 28.72 -11.24
CA LYS B 5 5.77 28.72 -9.78
C LYS B 5 5.38 27.33 -9.27
N ALA B 6 5.84 26.98 -8.07
CA ALA B 6 5.38 25.79 -7.36
C ALA B 6 5.19 26.11 -5.89
N THR B 7 4.26 25.40 -5.24
CA THR B 7 4.01 25.57 -3.82
C THR B 7 4.17 24.26 -3.07
N MET B 8 4.43 24.37 -1.78
CA MET B 8 4.66 23.20 -0.93
C MET B 8 4.29 23.56 0.50
N ILE B 9 3.51 22.70 1.16
CA ILE B 9 3.20 22.89 2.58
C ILE B 9 4.21 22.07 3.37
N ILE B 10 4.85 22.71 4.34
CA ILE B 10 5.82 22.06 5.21
C ILE B 10 5.08 21.95 6.54
N GLU B 11 4.28 20.89 6.70
CA GLU B 11 3.49 20.70 7.93
C GLU B 11 4.13 19.69 8.88
N LYS B 12 4.57 20.21 10.00
CA LYS B 12 5.18 19.49 11.09
C LYS B 12 4.43 18.23 11.49
N ASP B 13 3.10 18.30 11.55
CA ASP B 13 2.30 17.20 12.05
C ASP B 13 1.83 16.19 10.98
N PHE B 14 2.19 16.41 9.70
CA PHE B 14 1.86 15.47 8.63
C PHE B 14 3.16 14.76 8.28
N LYS B 15 3.38 13.62 8.92
CA LYS B 15 4.65 12.91 8.91
C LYS B 15 4.55 11.58 8.17
N ILE B 16 5.62 11.21 7.49
CA ILE B 16 5.75 9.86 6.93
C ILE B 16 6.31 8.90 7.98
N ALA B 17 7.52 9.14 8.45
CA ALA B 17 8.20 8.30 9.42
C ALA B 17 9.53 8.91 9.79
N GLU B 18 10.11 8.45 10.88
CA GLU B 18 11.53 8.64 11.15
C GLU B 18 12.36 7.95 10.07
N ILE B 19 13.33 8.66 9.53
CA ILE B 19 14.26 8.10 8.56
C ILE B 19 15.24 7.22 9.32
N ASP B 20 15.35 5.96 8.89
CA ASP B 20 16.40 5.09 9.35
C ASP B 20 17.69 5.53 8.64
N LYS B 21 18.71 5.85 9.41
CA LYS B 21 19.95 6.34 8.83
C LYS B 21 20.58 5.36 7.87
N ARG B 22 20.21 4.08 7.96
CA ARG B 22 20.74 3.05 7.06
C ARG B 22 20.25 3.24 5.61
N ILE B 23 19.32 4.17 5.32
CA ILE B 23 19.02 4.50 3.94
C ILE B 23 20.19 5.23 3.27
N TYR B 24 21.19 5.67 4.04
CA TYR B 24 22.38 6.32 3.50
C TYR B 24 23.56 5.35 3.50
N GLY B 25 23.26 4.06 3.35
CA GLY B 25 24.29 3.06 3.24
C GLY B 25 24.94 2.98 1.88
N SER B 26 25.94 2.11 1.79
CA SER B 26 26.62 1.83 0.52
C SER B 26 27.08 0.36 0.50
N PHE B 27 28.00 0.02 -0.40
CA PHE B 27 28.23 -1.35 -0.83
C PHE B 27 29.62 -1.39 -1.46
N ILE B 28 30.42 -2.36 -1.03
CA ILE B 28 31.69 -2.70 -1.66
C ILE B 28 31.71 -4.18 -2.00
N GLU B 29 31.96 -4.46 -3.28
CA GLU B 29 32.13 -5.83 -3.76
C GLU B 29 33.60 -6.08 -4.08
N HIS B 30 34.01 -7.36 -4.05
CA HIS B 30 35.25 -7.76 -4.69
C HIS B 30 35.03 -7.76 -6.20
N LEU B 31 35.15 -6.56 -6.77
CA LEU B 31 34.84 -6.28 -8.16
C LEU B 31 35.81 -5.16 -8.58
N GLY B 32 36.53 -5.39 -9.67
CA GLY B 32 37.41 -4.36 -10.23
C GLY B 32 38.38 -3.82 -9.18
N ARG B 33 38.43 -2.49 -9.08
CA ARG B 33 39.34 -1.81 -8.16
C ARG B 33 38.62 -1.29 -6.91
N ALA B 34 37.46 -1.82 -6.59
CA ALA B 34 36.77 -1.37 -5.38
C ALA B 34 37.60 -1.66 -4.12
N VAL B 35 38.14 -2.88 -4.00
CA VAL B 35 38.96 -3.25 -2.90
C VAL B 35 40.42 -2.95 -3.27
N TYR B 36 40.94 -3.66 -4.25
CA TYR B 36 42.36 -3.57 -4.62
C TYR B 36 42.61 -2.34 -5.48
N GLY B 37 43.23 -1.33 -4.88
CA GLY B 37 43.42 -0.03 -5.51
C GLY B 37 42.33 0.98 -5.17
N GLY B 38 41.36 0.55 -4.36
CA GLY B 38 40.30 1.41 -3.89
C GLY B 38 40.46 1.66 -2.43
N ILE B 39 39.88 0.81 -1.58
CA ILE B 39 40.10 0.97 -0.15
C ILE B 39 41.51 0.54 0.30
N TYR B 40 42.13 -0.35 -0.45
CA TYR B 40 43.37 -1.02 -0.01
C TYR B 40 44.42 -0.89 -1.10
N GLU B 41 45.54 -0.25 -0.75
CA GLU B 41 46.63 -0.08 -1.69
C GLU B 41 47.93 0.07 -0.90
N PRO B 42 48.57 -1.05 -0.57
CA PRO B 42 49.85 -1.03 0.15
C PRO B 42 50.88 -0.18 -0.61
N GLY B 43 51.64 0.61 0.13
CA GLY B 43 52.66 1.43 -0.51
C GLY B 43 52.17 2.66 -1.27
N HIS B 44 50.86 2.89 -1.37
CA HIS B 44 50.40 4.21 -1.75
C HIS B 44 50.93 5.17 -0.68
N PRO B 45 51.31 6.39 -1.05
CA PRO B 45 51.80 7.36 -0.07
C PRO B 45 50.87 7.64 1.11
N GLN B 46 49.56 7.51 0.94
CA GLN B 46 48.61 7.76 2.03
C GLN B 46 48.09 6.46 2.67
N ALA B 47 48.75 5.34 2.40
CA ALA B 47 48.38 4.07 3.04
C ALA B 47 48.75 4.06 4.53
N ASP B 48 47.85 3.56 5.36
CA ASP B 48 48.11 3.39 6.79
C ASP B 48 48.83 2.07 7.06
N GLU B 49 48.99 1.76 8.36
CA GLU B 49 49.71 0.57 8.80
C GLU B 49 49.14 -0.74 8.24
N ASN B 50 47.85 -0.76 7.94
CA ASN B 50 47.22 -1.96 7.38
C ASN B 50 47.02 -1.88 5.85
N GLY B 51 47.62 -0.89 5.19
CA GLY B 51 47.54 -0.75 3.73
C GLY B 51 46.33 0.00 3.19
N PHE B 52 45.51 0.52 4.08
CA PHE B 52 44.29 1.21 3.68
C PHE B 52 44.58 2.66 3.32
N ARG B 53 44.05 3.10 2.19
CA ARG B 53 44.23 4.49 1.78
C ARG B 53 43.50 5.46 2.69
N GLN B 54 44.27 6.35 3.30
CA GLN B 54 43.70 7.33 4.22
C GLN B 54 42.82 8.36 3.53
N ASP B 55 43.17 8.73 2.30
CA ASP B 55 42.39 9.69 1.56
C ASP B 55 40.98 9.16 1.30
N VAL B 56 40.88 7.90 0.90
CA VAL B 56 39.57 7.25 0.72
C VAL B 56 38.82 7.18 2.04
N ILE B 57 39.49 6.84 3.14
CA ILE B 57 38.86 6.84 4.44
C ILE B 57 38.21 8.18 4.74
N GLU B 58 38.94 9.26 4.51
CA GLU B 58 38.40 10.58 4.80
C GLU B 58 37.18 10.92 3.95
N LEU B 59 37.24 10.56 2.67
CA LEU B 59 36.10 10.80 1.77
C LEU B 59 34.85 10.02 2.16
N VAL B 60 35.03 8.79 2.63
CA VAL B 60 33.90 8.00 3.06
C VAL B 60 33.34 8.58 4.37
N LYS B 61 34.23 8.98 5.29
CA LYS B 61 33.73 9.55 6.54
C LYS B 61 32.88 10.79 6.32
N GLU B 62 33.26 11.60 5.33
CA GLU B 62 32.53 12.82 5.06
C GLU B 62 31.11 12.52 4.57
N LEU B 63 30.90 11.37 3.93
CA LEU B 63 29.56 10.94 3.50
C LEU B 63 28.72 10.40 4.65
N GLN B 64 29.32 10.09 5.79
CA GLN B 64 28.63 9.58 6.98
C GLN B 64 27.80 8.32 6.66
N VAL B 65 28.40 7.41 5.90
CA VAL B 65 27.75 6.17 5.49
C VAL B 65 27.65 5.27 6.72
N PRO B 66 26.44 4.89 7.18
CA PRO B 66 26.36 4.10 8.42
C PRO B 66 26.58 2.60 8.27
N ILE B 67 26.36 2.06 7.08
CA ILE B 67 26.35 0.62 6.84
C ILE B 67 26.84 0.36 5.43
N ILE B 68 27.64 -0.68 5.27
CA ILE B 68 28.21 -1.06 3.99
C ILE B 68 28.02 -2.55 3.75
N ARG B 69 27.32 -2.89 2.67
CA ARG B 69 27.11 -4.27 2.26
C ARG B 69 28.38 -4.82 1.64
N TYR B 70 28.65 -6.10 1.85
CA TYR B 70 29.94 -6.72 1.47
C TYR B 70 29.77 -8.24 1.62
N PRO B 71 30.44 -9.10 0.84
CA PRO B 71 31.36 -8.79 -0.28
C PRO B 71 30.77 -8.87 -1.67
N GLY B 72 29.44 -8.97 -1.74
CA GLY B 72 28.75 -9.02 -3.03
C GLY B 72 27.25 -9.13 -2.81
N GLY B 73 26.45 -8.98 -3.87
CA GLY B 73 26.88 -8.86 -5.25
C GLY B 73 27.15 -10.21 -5.87
N ASN B 74 27.30 -10.21 -7.18
CA ASN B 74 27.49 -11.46 -7.92
C ASN B 74 28.68 -12.27 -7.46
N PHE B 75 29.72 -11.60 -7.00
CA PHE B 75 30.91 -12.26 -6.46
C PHE B 75 30.58 -13.29 -5.37
N VAL B 76 29.67 -12.97 -4.45
CA VAL B 76 29.51 -13.82 -3.25
C VAL B 76 28.99 -15.20 -3.63
N SER B 77 28.26 -15.30 -4.74
CA SER B 77 27.60 -16.54 -5.09
C SER B 77 28.56 -17.66 -5.46
N GLY B 78 29.83 -17.36 -5.73
CA GLY B 78 30.85 -18.37 -5.98
C GLY B 78 32.00 -18.36 -5.01
N TYR B 79 31.88 -17.61 -3.91
CA TYR B 79 32.97 -17.31 -2.96
C TYR B 79 32.95 -18.26 -1.77
N ASN B 80 34.13 -18.69 -1.33
CA ASN B 80 34.29 -19.45 -0.11
C ASN B 80 34.93 -18.56 0.95
N TRP B 81 34.20 -18.23 2.00
CA TRP B 81 34.67 -17.27 2.99
C TRP B 81 35.99 -17.70 3.66
N GLU B 82 36.20 -19.01 3.77
CA GLU B 82 37.44 -19.53 4.41
C GLU B 82 38.67 -19.18 3.61
N ASP B 83 38.50 -18.95 2.32
CA ASP B 83 39.63 -18.62 1.45
C ASP B 83 40.23 -17.25 1.76
N GLY B 84 39.46 -16.41 2.45
CA GLY B 84 39.89 -15.06 2.80
C GLY B 84 40.26 -14.81 4.23
N VAL B 85 40.37 -15.86 5.03
CA VAL B 85 40.78 -15.70 6.42
C VAL B 85 42.03 -16.53 6.71
N GLY B 86 42.71 -16.15 7.77
CA GLY B 86 43.90 -16.85 8.23
C GLY B 86 45.13 -16.38 7.48
N PRO B 87 46.26 -17.00 7.77
CA PRO B 87 47.52 -16.58 7.16
C PRO B 87 47.45 -16.50 5.64
N LYS B 88 48.06 -15.44 5.12
CA LYS B 88 48.02 -15.17 3.69
C LYS B 88 48.62 -16.29 2.83
N GLU B 89 49.68 -16.96 3.28
CA GLU B 89 50.30 -18.00 2.47
C GLU B 89 49.41 -19.19 2.15
N GLN B 90 48.39 -19.41 3.00
CA GLN B 90 47.44 -20.49 2.84
C GLN B 90 46.16 -20.06 2.10
N ARG B 91 46.05 -18.79 1.74
CA ARG B 91 44.86 -18.31 1.00
C ARG B 91 45.05 -18.59 -0.48
N PRO B 92 44.12 -19.32 -1.10
CA PRO B 92 44.27 -19.71 -2.50
C PRO B 92 43.91 -18.60 -3.46
N ARG B 93 44.50 -18.63 -4.64
CA ARG B 93 44.06 -17.80 -5.74
C ARG B 93 42.88 -18.49 -6.43
N ARG B 94 41.80 -17.77 -6.67
CA ARG B 94 40.59 -18.32 -7.22
C ARG B 94 40.20 -17.61 -8.53
N LEU B 95 39.51 -18.34 -9.39
CA LEU B 95 38.83 -17.75 -10.52
C LEU B 95 37.47 -17.27 -10.06
N ASP B 96 37.28 -15.96 -10.05
CA ASP B 96 35.98 -15.36 -9.78
C ASP B 96 35.17 -15.37 -11.05
N LEU B 97 34.17 -16.24 -11.12
CA LEU B 97 33.40 -16.38 -12.35
C LEU B 97 32.45 -15.22 -12.56
N ALA B 98 32.13 -14.48 -11.52
CA ALA B 98 31.22 -13.35 -11.67
C ALA B 98 31.80 -12.25 -12.58
N TRP B 99 33.05 -11.88 -12.31
CA TRP B 99 33.68 -10.78 -13.04
C TRP B 99 34.90 -11.24 -13.83
N LYS B 100 35.03 -12.56 -14.05
CA LYS B 100 36.06 -13.13 -14.90
C LYS B 100 37.44 -12.60 -14.53
N SER B 101 37.72 -12.62 -13.24
CA SER B 101 38.96 -12.11 -12.66
C SER B 101 39.61 -13.14 -11.79
N VAL B 102 40.92 -13.02 -11.57
CA VAL B 102 41.59 -13.79 -10.53
C VAL B 102 41.51 -13.03 -9.23
N GLU B 103 40.94 -13.68 -8.22
CA GLU B 103 40.83 -13.14 -6.87
C GLU B 103 41.94 -13.75 -6.01
N THR B 104 42.84 -12.91 -5.49
CA THR B 104 43.96 -13.39 -4.67
C THR B 104 43.58 -13.65 -3.22
N ASN B 105 42.46 -13.10 -2.78
CA ASN B 105 42.02 -13.20 -1.38
C ASN B 105 42.98 -12.54 -0.40
N GLU B 106 43.81 -11.61 -0.90
CA GLU B 106 44.69 -10.84 -0.03
C GLU B 106 43.90 -10.01 0.98
N ILE B 107 42.73 -9.54 0.57
CA ILE B 107 41.74 -9.03 1.49
C ILE B 107 40.61 -10.04 1.64
N GLY B 108 40.27 -10.34 2.89
CA GLY B 108 39.08 -11.11 3.22
C GLY B 108 38.33 -10.47 4.36
N LEU B 109 37.41 -11.22 4.96
CA LEU B 109 36.42 -10.55 5.78
C LEU B 109 36.99 -9.83 7.00
N ASN B 110 38.03 -10.39 7.63
CA ASN B 110 38.55 -9.72 8.82
C ASN B 110 39.23 -8.38 8.49
N GLU B 111 39.95 -8.34 7.37
CA GLU B 111 40.54 -7.06 6.93
C GLU B 111 39.45 -6.06 6.55
N PHE B 112 38.37 -6.53 5.88
CA PHE B 112 37.31 -5.62 5.56
C PHE B 112 36.69 -5.05 6.85
N MET B 113 36.52 -5.89 7.88
CA MET B 113 35.98 -5.39 9.13
C MET B 113 36.90 -4.30 9.75
N ASP B 114 38.21 -4.51 9.64
CA ASP B 114 39.17 -3.51 10.10
C ASP B 114 38.97 -2.18 9.38
N TRP B 115 38.77 -2.24 8.06
CA TRP B 115 38.55 -1.05 7.24
C TRP B 115 37.24 -0.35 7.64
N ALA B 116 36.19 -1.16 7.78
CA ALA B 116 34.88 -0.62 8.12
C ALA B 116 34.92 0.16 9.47
N LYS B 117 35.69 -0.38 10.40
CA LYS B 117 35.89 0.29 11.68
C LYS B 117 36.52 1.69 11.50
N MET B 118 37.44 1.81 10.55
CA MET B 118 38.09 3.10 10.29
C MET B 118 37.14 4.13 9.72
N VAL B 119 36.14 3.70 8.97
CA VAL B 119 35.21 4.66 8.41
C VAL B 119 33.93 4.79 9.27
N GLY B 120 33.85 4.06 10.37
CA GLY B 120 32.73 4.17 11.27
C GLY B 120 31.43 3.50 10.80
N ALA B 121 31.54 2.54 9.87
CA ALA B 121 30.37 1.86 9.31
C ALA B 121 30.24 0.47 9.88
N GLU B 122 29.01 0.03 10.11
CA GLU B 122 28.76 -1.39 10.28
C GLU B 122 28.73 -2.08 8.92
N VAL B 123 28.82 -3.39 8.95
CA VAL B 123 28.85 -4.20 7.73
C VAL B 123 27.60 -5.05 7.63
N ASN B 124 26.99 -5.01 6.46
CA ASN B 124 25.88 -5.88 6.09
C ASN B 124 26.49 -7.04 5.30
N MET B 125 26.76 -8.14 5.99
CA MET B 125 27.52 -9.25 5.42
C MET B 125 26.61 -10.18 4.63
N ALA B 126 27.05 -10.55 3.42
CA ALA B 126 26.32 -11.51 2.61
C ALA B 126 26.94 -12.88 2.70
N VAL B 127 26.10 -13.91 2.73
CA VAL B 127 26.50 -15.32 2.66
C VAL B 127 26.28 -15.87 1.26
N ASN B 128 27.10 -16.82 0.85
CA ASN B 128 26.98 -17.49 -0.43
C ASN B 128 25.86 -18.52 -0.42
N LEU B 129 24.80 -18.28 -1.19
CA LEU B 129 23.76 -19.32 -1.39
C LEU B 129 23.66 -19.72 -2.87
N GLY B 130 24.76 -19.60 -3.59
CA GLY B 130 24.92 -20.04 -4.97
C GLY B 130 25.56 -21.41 -5.00
N THR B 131 26.87 -21.48 -4.78
CA THR B 131 27.56 -22.75 -4.67
C THR B 131 27.56 -23.36 -3.29
N ARG B 132 27.12 -22.63 -2.27
CA ARG B 132 27.10 -23.12 -0.89
C ARG B 132 25.70 -22.95 -0.28
N GLY B 133 25.57 -23.32 0.98
CA GLY B 133 24.27 -23.45 1.58
C GLY B 133 24.27 -23.26 3.08
N ILE B 134 23.46 -24.08 3.75
CA ILE B 134 23.13 -23.78 5.11
C ILE B 134 24.30 -24.05 6.07
N ASP B 135 25.14 -25.05 5.83
CA ASP B 135 26.25 -25.31 6.74
C ASP B 135 27.23 -24.14 6.73
N ALA B 136 27.58 -23.65 5.55
CA ALA B 136 28.52 -22.55 5.47
C ALA B 136 27.92 -21.29 6.09
N ALA B 137 26.60 -21.11 6.01
CA ALA B 137 25.96 -19.93 6.56
C ALA B 137 26.05 -19.94 8.08
N ARG B 138 25.70 -21.06 8.72
CA ARG B 138 25.81 -21.12 10.17
C ARG B 138 27.27 -20.97 10.61
N ASN B 139 28.21 -21.56 9.88
CA ASN B 139 29.62 -21.51 10.29
C ASN B 139 30.15 -20.09 10.20
N LEU B 140 29.76 -19.36 9.18
CA LEU B 140 30.23 -17.98 9.05
C LEU B 140 29.67 -17.09 10.17
N VAL B 141 28.39 -17.26 10.51
CA VAL B 141 27.83 -16.51 11.62
C VAL B 141 28.54 -16.86 12.93
N GLU B 142 28.84 -18.15 13.14
CA GLU B 142 29.59 -18.57 14.33
C GLU B 142 30.97 -17.92 14.36
N TYR B 143 31.68 -17.98 13.25
CA TYR B 143 33.03 -17.42 13.13
C TYR B 143 33.00 -15.94 13.50
N CYS B 144 32.04 -15.21 12.95
CA CYS B 144 32.00 -13.78 13.13
C CYS B 144 31.46 -13.34 14.49
N ASN B 145 30.45 -14.03 15.00
CA ASN B 145 29.65 -13.51 16.09
C ASN B 145 29.71 -14.28 17.42
N HIS B 146 30.07 -15.56 17.39
CA HIS B 146 30.09 -16.32 18.63
C HIS B 146 31.35 -15.96 19.42
N PRO B 147 31.25 -15.73 20.72
CA PRO B 147 32.45 -15.24 21.44
C PRO B 147 33.67 -16.13 21.43
N SER B 148 33.54 -17.39 21.82
CA SER B 148 34.67 -18.28 22.03
C SER B 148 34.15 -19.66 22.41
N GLY B 149 35.02 -20.65 22.46
CA GLY B 149 34.71 -21.94 23.01
C GLY B 149 34.11 -22.95 22.02
N SER B 150 34.14 -22.61 20.73
CA SER B 150 33.77 -23.56 19.67
C SER B 150 34.84 -23.47 18.58
N TYR B 151 34.89 -24.44 17.71
CA TYR B 151 35.94 -24.43 16.69
C TYR B 151 35.98 -23.13 15.89
N TYR B 152 34.85 -22.71 15.34
CA TYR B 152 34.91 -21.53 14.45
C TYR B 152 35.13 -20.22 15.19
N SER B 153 34.61 -20.09 16.42
CA SER B 153 34.86 -18.87 17.19
C SER B 153 36.34 -18.79 17.64
N ASP B 154 36.87 -19.93 18.09
CA ASP B 154 38.27 -19.94 18.49
C ASP B 154 39.14 -19.76 17.28
N LEU B 155 38.68 -20.14 16.09
CA LEU B 155 39.45 -19.91 14.86
C LEU B 155 39.58 -18.42 14.57
N ARG B 156 38.50 -17.68 14.69
CA ARG B 156 38.55 -16.23 14.54
C ARG B 156 39.57 -15.64 15.51
N ILE B 157 39.52 -16.08 16.76
CA ILE B 157 40.46 -15.58 17.78
C ILE B 157 41.91 -15.88 17.35
N ALA B 158 42.17 -17.09 16.89
CA ALA B 158 43.50 -17.50 16.41
C ALA B 158 43.94 -16.69 15.20
N HIS B 159 43.00 -16.27 14.37
CA HIS B 159 43.33 -15.44 13.22
C HIS B 159 43.61 -13.98 13.62
N GLY B 160 43.48 -13.64 14.90
CA GLY B 160 43.87 -12.35 15.44
C GLY B 160 42.77 -11.42 15.87
N TYR B 161 41.53 -11.92 15.96
CA TYR B 161 40.35 -11.10 16.24
C TYR B 161 39.64 -11.64 17.48
N LYS B 162 40.09 -11.22 18.66
CA LYS B 162 39.62 -11.82 19.91
C LYS B 162 38.15 -11.55 20.09
N GLU B 163 37.76 -10.29 19.94
CA GLU B 163 36.37 -9.90 20.13
C GLU B 163 35.59 -10.24 18.85
N PRO B 164 34.38 -10.78 19.00
CA PRO B 164 33.57 -11.08 17.82
C PRO B 164 33.25 -9.80 17.07
N HIS B 165 33.06 -9.94 15.76
CA HIS B 165 32.64 -8.83 14.92
C HIS B 165 31.22 -8.34 15.26
N LYS B 166 30.36 -9.25 15.72
CA LYS B 166 28.99 -8.90 16.11
C LYS B 166 28.25 -8.18 14.98
N ILE B 167 28.18 -8.83 13.83
CA ILE B 167 27.49 -8.31 12.65
C ILE B 167 25.99 -8.47 12.86
N LYS B 168 25.26 -7.36 12.75
CA LYS B 168 23.82 -7.36 12.97
C LYS B 168 23.00 -7.86 11.76
N THR B 169 23.29 -7.34 10.58
CA THR B 169 22.40 -7.50 9.42
C THR B 169 23.07 -8.28 8.32
N TRP B 170 22.43 -9.36 7.90
CA TRP B 170 23.01 -10.32 6.97
C TRP B 170 22.13 -10.48 5.74
N CYS B 171 22.75 -10.58 4.57
CA CYS B 171 22.07 -10.91 3.34
C CYS B 171 22.13 -12.40 3.04
N LEU B 172 20.97 -12.97 2.75
CA LEU B 172 20.83 -14.37 2.40
C LEU B 172 21.15 -14.55 0.90
N GLY B 173 22.42 -14.62 0.56
CA GLY B 173 22.81 -14.68 -0.83
C GLY B 173 22.80 -13.33 -1.50
N ASN B 174 23.01 -13.38 -2.81
CA ASN B 174 22.78 -12.28 -3.73
C ASN B 174 21.66 -12.73 -4.68
N ALA B 175 21.02 -11.80 -5.34
CA ALA B 175 19.95 -12.10 -6.27
C ALA B 175 20.45 -13.19 -7.19
N MET B 176 19.67 -14.27 -7.37
CA MET B 176 20.12 -15.41 -8.17
C MET B 176 18.95 -15.86 -9.10
N ASP B 177 18.10 -14.90 -9.47
CA ASP B 177 16.95 -15.12 -10.34
C ASP B 177 17.40 -14.99 -11.74
N GLY B 178 18.57 -14.33 -11.82
CA GLY B 178 19.22 -13.97 -13.04
C GLY B 178 20.01 -15.15 -13.54
N PRO B 179 19.82 -15.47 -14.80
CA PRO B 179 20.54 -16.53 -15.52
C PRO B 179 22.09 -16.29 -15.67
N TRP B 180 22.52 -15.09 -15.34
CA TRP B 180 23.95 -14.74 -15.26
C TRP B 180 24.57 -15.04 -13.91
N GLN B 181 23.78 -15.45 -12.93
CA GLN B 181 24.30 -15.64 -11.60
C GLN B 181 24.88 -17.04 -11.44
N ILE B 182 25.93 -17.12 -10.65
CA ILE B 182 26.48 -18.41 -10.26
C ILE B 182 25.48 -19.10 -9.32
N GLY B 183 25.13 -20.34 -9.63
CA GLY B 183 24.16 -21.06 -8.83
C GLY B 183 22.79 -20.39 -8.81
N HIS B 184 22.31 -19.97 -9.98
CA HIS B 184 20.93 -19.51 -10.14
C HIS B 184 20.01 -20.48 -9.50
N LYS B 185 18.99 -19.93 -8.84
CA LYS B 185 17.91 -20.72 -8.26
C LYS B 185 16.57 -20.12 -8.67
N THR B 186 15.58 -20.98 -8.87
CA THR B 186 14.20 -20.51 -9.01
C THR B 186 13.74 -19.91 -7.69
N ALA B 187 12.61 -19.24 -7.75
CA ALA B 187 12.10 -18.62 -6.54
C ALA B 187 11.82 -19.64 -5.46
N VAL B 188 11.30 -20.81 -5.82
CA VAL B 188 11.07 -21.87 -4.84
C VAL B 188 12.39 -22.42 -4.29
N GLU B 189 13.35 -22.71 -5.18
CA GLU B 189 14.64 -23.26 -4.71
C GLU B 189 15.32 -22.27 -3.77
N TYR B 190 15.32 -21.00 -4.16
CA TYR B 190 15.93 -19.94 -3.35
C TYR B 190 15.15 -19.75 -2.04
N GLY B 191 13.83 -19.66 -2.12
CA GLY B 191 13.04 -19.49 -0.93
C GLY B 191 13.34 -20.58 0.08
N ARG B 192 13.42 -21.83 -0.40
CA ARG B 192 13.69 -22.93 0.51
C ARG B 192 15.09 -22.84 1.15
N ILE B 193 16.13 -22.62 0.37
CA ILE B 193 17.46 -22.58 0.96
C ILE B 193 17.64 -21.34 1.85
N ALA B 194 17.04 -20.23 1.48
CA ALA B 194 17.09 -19.03 2.28
C ALA B 194 16.38 -19.23 3.62
N CYS B 195 15.24 -19.94 3.60
CA CYS B 195 14.54 -20.27 4.80
C CYS B 195 15.42 -21.08 5.76
N GLU B 196 16.01 -22.14 5.23
CA GLU B 196 16.78 -23.04 6.09
C GLU B 196 18.10 -22.42 6.55
N ALA B 197 18.71 -21.56 5.72
CA ALA B 197 19.89 -20.79 6.12
C ALA B 197 19.52 -19.78 7.22
N ALA B 198 18.42 -19.06 7.03
CA ALA B 198 17.99 -18.07 7.98
C ALA B 198 17.81 -18.65 9.34
N LYS B 199 17.23 -19.85 9.39
CA LYS B 199 16.98 -20.49 10.66
C LYS B 199 18.29 -20.82 11.38
N VAL B 200 19.22 -21.47 10.70
CA VAL B 200 20.45 -21.84 11.42
C VAL B 200 21.28 -20.63 11.80
N MET B 201 21.27 -19.59 10.97
CA MET B 201 21.99 -18.37 11.32
C MET B 201 21.44 -17.75 12.59
N LYS B 202 20.13 -17.66 12.69
CA LYS B 202 19.46 -17.13 13.85
C LYS B 202 19.63 -17.99 15.09
N TRP B 203 19.74 -19.30 14.92
CA TRP B 203 20.00 -20.18 16.04
C TRP B 203 21.41 -20.00 16.59
N VAL B 204 22.38 -19.70 15.72
CA VAL B 204 23.72 -19.35 16.23
C VAL B 204 23.66 -18.02 16.99
N ASP B 205 22.98 -17.03 16.44
CA ASP B 205 22.93 -15.70 17.08
C ASP B 205 21.56 -15.05 16.85
N PRO B 206 20.65 -15.17 17.82
CA PRO B 206 19.30 -14.63 17.66
C PRO B 206 19.23 -13.11 17.54
N THR B 207 20.32 -12.39 17.81
CA THR B 207 20.31 -10.94 17.69
C THR B 207 20.37 -10.45 16.24
N ILE B 208 20.67 -11.34 15.28
CA ILE B 208 20.83 -10.88 13.90
C ILE B 208 19.48 -10.59 13.26
N GLU B 209 19.54 -9.87 12.16
CA GLU B 209 18.41 -9.71 11.26
C GLU B 209 18.84 -10.09 9.86
N LEU B 210 17.85 -10.48 9.06
CA LEU B 210 18.09 -11.09 7.76
C LEU B 210 17.38 -10.37 6.64
N VAL B 211 18.10 -10.21 5.53
CA VAL B 211 17.57 -9.67 4.30
C VAL B 211 17.47 -10.81 3.30
N VAL B 212 16.27 -11.04 2.77
CA VAL B 212 16.04 -12.01 1.71
C VAL B 212 16.08 -11.30 0.38
N CYS B 213 16.62 -11.95 -0.63
CA CYS B 213 16.84 -11.27 -1.89
C CYS B 213 15.64 -11.18 -2.79
N GLY B 214 15.40 -9.97 -3.28
CA GLY B 214 14.45 -9.74 -4.35
C GLY B 214 15.04 -9.96 -5.72
N SER B 215 14.31 -9.56 -6.76
CA SER B 215 14.71 -9.76 -8.15
C SER B 215 15.98 -8.97 -8.45
N SER B 216 16.72 -9.40 -9.45
CA SER B 216 17.93 -8.67 -9.87
C SER B 216 17.56 -7.33 -10.51
N ASN B 217 16.39 -7.31 -11.16
CA ASN B 217 15.93 -6.18 -11.96
C ASN B 217 14.41 -6.25 -12.01
N ARG B 218 13.77 -5.09 -11.94
CA ARG B 218 12.32 -4.97 -12.16
C ARG B 218 11.86 -5.49 -13.51
N ASN B 219 12.74 -5.52 -14.50
CA ASN B 219 12.39 -6.04 -15.83
C ASN B 219 12.49 -7.55 -15.99
N MET B 220 12.94 -8.28 -14.95
CA MET B 220 13.03 -9.73 -15.10
C MET B 220 11.64 -10.30 -15.37
N PRO B 221 11.54 -11.35 -16.20
CA PRO B 221 10.25 -12.01 -16.44
C PRO B 221 9.57 -12.48 -15.16
N THR B 222 10.34 -12.79 -14.12
CA THR B 222 9.82 -13.27 -12.84
C THR B 222 9.64 -12.17 -11.80
N PHE B 223 9.81 -10.90 -12.15
CA PHE B 223 9.58 -9.85 -11.18
C PHE B 223 8.18 -9.95 -10.57
N ALA B 224 8.12 -9.68 -9.27
CA ALA B 224 6.92 -9.65 -8.45
C ALA B 224 6.50 -11.06 -8.02
N GLU B 225 6.35 -11.96 -9.01
CA GLU B 225 6.20 -13.38 -8.73
C GLU B 225 7.32 -13.88 -7.80
N TRP B 226 8.55 -13.49 -8.11
CA TRP B 226 9.71 -13.91 -7.33
C TRP B 226 9.55 -13.51 -5.88
N GLU B 227 9.31 -12.23 -5.63
CA GLU B 227 9.23 -11.73 -4.27
C GLU B 227 8.12 -12.40 -3.48
N ALA B 228 6.99 -12.59 -4.13
CA ALA B 228 5.87 -13.25 -3.46
C ALA B 228 6.19 -14.68 -3.03
N THR B 229 6.78 -15.43 -3.93
CA THR B 229 7.15 -16.82 -3.65
C THR B 229 8.23 -16.90 -2.57
N VAL B 230 9.24 -16.04 -2.71
CA VAL B 230 10.36 -16.06 -1.76
C VAL B 230 9.88 -15.70 -0.35
N LEU B 231 9.04 -14.67 -0.22
CA LEU B 231 8.48 -14.31 1.07
C LEU B 231 7.54 -15.39 1.57
N ASP B 232 6.80 -16.06 0.70
CA ASP B 232 5.94 -17.15 1.17
C ASP B 232 6.78 -18.22 1.87
N HIS B 233 8.00 -18.44 1.39
CA HIS B 233 8.88 -19.44 1.96
C HIS B 233 9.67 -18.98 3.16
N THR B 234 9.84 -17.67 3.36
CA THR B 234 10.78 -17.17 4.37
C THR B 234 10.21 -16.22 5.40
N TYR B 235 8.94 -15.81 5.26
CA TYR B 235 8.40 -14.66 6.01
C TYR B 235 8.74 -14.66 7.49
N ASP B 236 8.47 -15.80 8.15
CA ASP B 236 8.62 -15.88 9.60
C ASP B 236 10.05 -15.76 10.09
N HIS B 237 10.99 -15.93 9.19
CA HIS B 237 12.41 -16.06 9.50
C HIS B 237 13.26 -14.89 9.06
N VAL B 238 12.68 -13.92 8.36
CA VAL B 238 13.44 -12.80 7.80
C VAL B 238 12.82 -11.46 8.16
N ASP B 239 13.56 -10.39 7.92
CA ASP B 239 13.21 -9.04 8.39
C ASP B 239 13.03 -8.02 7.28
N TYR B 240 13.70 -8.23 6.14
CA TYR B 240 13.66 -7.31 5.01
C TYR B 240 13.66 -8.12 3.72
N ILE B 241 13.10 -7.52 2.67
CA ILE B 241 13.28 -7.96 1.29
C ILE B 241 14.02 -6.88 0.51
N SER B 242 14.93 -7.32 -0.35
CA SER B 242 15.70 -6.36 -1.11
C SER B 242 15.14 -6.04 -2.47
N LEU B 243 15.55 -4.88 -2.97
CA LEU B 243 15.26 -4.46 -4.32
C LEU B 243 16.48 -3.72 -4.87
N HIS B 244 16.62 -3.77 -6.19
CA HIS B 244 17.80 -3.29 -6.92
C HIS B 244 17.34 -2.47 -8.12
N GLN B 245 18.03 -1.35 -8.39
CA GLN B 245 17.71 -0.55 -9.56
C GLN B 245 18.92 0.23 -10.01
N TYR B 246 19.23 0.11 -11.30
CA TYR B 246 20.21 0.97 -11.96
C TYR B 246 19.51 1.72 -13.10
N TYR B 247 19.93 2.95 -13.34
CA TYR B 247 19.44 3.78 -14.43
C TYR B 247 20.57 4.25 -15.34
N GLY B 248 20.21 4.61 -16.56
CA GLY B 248 21.13 5.21 -17.51
C GLY B 248 20.42 6.07 -18.53
N ASN B 249 21.20 6.91 -19.20
CA ASN B 249 20.68 7.78 -20.25
C ASN B 249 21.24 7.41 -21.62
N ARG B 250 20.86 6.24 -22.09
CA ARG B 250 21.45 5.68 -23.32
C ARG B 250 20.82 6.24 -24.59
N ASP B 251 19.74 7.02 -24.51
CA ASP B 251 19.22 7.68 -25.71
C ASP B 251 19.31 9.19 -25.65
N ASN B 252 20.12 9.71 -24.74
CA ASN B 252 20.35 11.14 -24.61
C ASN B 252 19.05 11.95 -24.56
N ASP B 253 18.21 11.60 -23.61
CA ASP B 253 16.94 12.26 -23.40
C ASP B 253 16.87 12.68 -21.94
N THR B 254 17.41 13.85 -21.64
CA THR B 254 17.45 14.38 -20.28
C THR B 254 16.09 14.49 -19.60
N ALA B 255 15.06 14.98 -20.28
CA ALA B 255 13.74 15.14 -19.67
C ALA B 255 13.16 13.80 -19.22
N ASN B 256 13.33 12.77 -20.04
CA ASN B 256 12.86 11.42 -19.74
C ASN B 256 13.72 10.79 -18.63
N TYR B 257 15.03 11.04 -18.69
CA TYR B 257 16.00 10.50 -17.71
C TYR B 257 15.67 10.97 -16.31
N LEU B 258 15.44 12.27 -16.15
CA LEU B 258 15.17 12.83 -14.83
C LEU B 258 13.82 12.40 -14.25
N ALA B 259 12.93 11.91 -15.10
CA ALA B 259 11.64 11.38 -14.68
C ALA B 259 11.72 9.97 -14.07
N LEU B 260 12.87 9.30 -14.21
CA LEU B 260 12.97 7.89 -13.83
C LEU B 260 12.70 7.60 -12.35
N SER B 261 12.91 8.58 -11.48
CA SER B 261 12.59 8.36 -10.09
C SER B 261 11.10 8.09 -9.87
N LEU B 262 10.23 8.50 -10.80
CA LEU B 262 8.81 8.15 -10.74
C LEU B 262 8.61 6.65 -10.84
N GLU B 263 9.43 6.01 -11.66
CA GLU B 263 9.46 4.57 -11.78
C GLU B 263 9.98 3.95 -10.48
N MET B 264 11.02 4.55 -9.88
CA MET B 264 11.56 4.02 -8.63
C MET B 264 10.50 4.04 -7.54
N ASP B 265 9.69 5.08 -7.53
CA ASP B 265 8.62 5.24 -6.57
C ASP B 265 7.59 4.12 -6.73
N ASP B 266 7.15 3.87 -7.97
CA ASP B 266 6.18 2.80 -8.26
C ASP B 266 6.76 1.45 -7.85
N PHE B 267 8.03 1.27 -8.13
CA PHE B 267 8.76 0.05 -7.83
C PHE B 267 8.75 -0.27 -6.30
N ILE B 268 9.12 0.72 -5.51
CA ILE B 268 9.06 0.55 -4.06
C ILE B 268 7.64 0.21 -3.60
N ARG B 269 6.66 0.96 -4.08
CA ARG B 269 5.26 0.70 -3.69
C ARG B 269 4.83 -0.74 -4.03
N SER B 270 5.30 -1.22 -5.17
CA SER B 270 4.99 -2.59 -5.59
C SER B 270 5.58 -3.64 -4.65
N VAL B 271 6.83 -3.47 -4.23
CA VAL B 271 7.44 -4.43 -3.33
C VAL B 271 6.84 -4.36 -1.93
N VAL B 272 6.52 -3.17 -1.47
CA VAL B 272 5.75 -3.02 -0.24
C VAL B 272 4.44 -3.80 -0.31
N ALA B 273 3.73 -3.65 -1.41
CA ALA B 273 2.48 -4.35 -1.58
C ALA B 273 2.66 -5.87 -1.47
N ILE B 274 3.72 -6.40 -2.06
CA ILE B 274 3.99 -7.83 -2.02
C ILE B 274 4.24 -8.27 -0.58
N ALA B 275 5.04 -7.51 0.15
CA ALA B 275 5.30 -7.83 1.55
C ALA B 275 4.00 -7.88 2.34
N ASP B 276 3.11 -6.92 2.09
CA ASP B 276 1.85 -6.87 2.82
C ASP B 276 0.84 -7.95 2.39
N TYR B 277 0.89 -8.35 1.13
CA TYR B 277 0.13 -9.54 0.68
C TYR B 277 0.55 -10.75 1.48
N VAL B 278 1.85 -11.03 1.54
CA VAL B 278 2.29 -12.23 2.20
C VAL B 278 2.03 -12.15 3.71
N LYS B 279 2.18 -10.96 4.29
CA LYS B 279 1.85 -10.80 5.69
C LYS B 279 0.40 -11.28 5.96
N ALA B 280 -0.53 -10.84 5.10
CA ALA B 280 -1.96 -11.20 5.25
C ALA B 280 -2.19 -12.69 5.05
N LYS B 281 -1.49 -13.26 4.07
CA LYS B 281 -1.61 -14.69 3.76
C LYS B 281 -1.16 -15.53 4.96
N LYS B 282 -0.10 -15.08 5.64
CA LYS B 282 0.43 -15.77 6.83
C LYS B 282 -0.28 -15.41 8.13
N ARG B 283 -1.16 -14.41 8.11
CA ARG B 283 -1.75 -13.85 9.34
C ARG B 283 -0.68 -13.44 10.35
N SER B 284 0.41 -12.88 9.84
CA SER B 284 1.51 -12.48 10.71
C SER B 284 1.26 -11.08 11.26
N LYS B 285 1.73 -10.86 12.48
CA LYS B 285 1.77 -9.51 13.07
C LYS B 285 3.02 -8.73 12.70
N LYS B 286 4.01 -9.40 12.09
CA LYS B 286 5.28 -8.76 11.74
C LYS B 286 5.18 -8.12 10.36
N THR B 287 5.66 -6.90 10.26
CA THR B 287 5.79 -6.17 9.02
C THR B 287 7.22 -6.34 8.51
N ILE B 288 7.34 -6.70 7.26
CA ILE B 288 8.63 -6.81 6.58
C ILE B 288 8.90 -5.50 5.88
N HIS B 289 10.14 -4.99 6.01
CA HIS B 289 10.54 -3.74 5.38
C HIS B 289 11.48 -4.01 4.22
N LEU B 290 11.89 -2.95 3.55
CA LEU B 290 12.66 -3.05 2.33
C LEU B 290 14.09 -2.62 2.56
N SER B 291 15.00 -3.30 1.89
CA SER B 291 16.40 -2.94 1.78
C SER B 291 16.71 -2.68 0.32
N PHE B 292 16.89 -1.40 -0.05
CA PHE B 292 17.13 -1.02 -1.42
C PHE B 292 18.63 -1.12 -1.61
N ASP B 293 19.14 -2.36 -1.63
CA ASP B 293 20.55 -2.55 -1.36
C ASP B 293 21.46 -2.55 -2.58
N GLU B 294 20.94 -2.22 -3.76
CA GLU B 294 21.72 -1.66 -4.85
C GLU B 294 20.92 -0.61 -5.55
N TRP B 295 21.43 0.63 -5.61
CA TRP B 295 20.87 1.64 -6.47
C TRP B 295 21.98 2.57 -6.96
N ASN B 296 21.89 2.99 -8.22
CA ASN B 296 22.75 4.05 -8.78
C ASN B 296 22.41 4.29 -10.24
N VAL B 297 23.10 5.27 -10.80
CA VAL B 297 23.32 5.35 -12.23
C VAL B 297 24.43 4.39 -12.62
N TRP B 298 24.23 3.59 -13.67
CA TRP B 298 25.26 2.70 -14.20
C TRP B 298 25.03 2.52 -15.71
N TYR B 299 25.90 3.12 -16.52
CA TYR B 299 25.88 2.89 -17.96
C TYR B 299 27.11 3.36 -18.72
N HIS B 300 27.80 4.38 -18.25
CA HIS B 300 28.87 5.02 -19.04
C HIS B 300 30.00 4.07 -19.44
N SER B 301 30.32 3.11 -18.59
CA SER B 301 31.50 2.27 -18.75
C SER B 301 31.22 0.97 -19.47
N ASN B 302 30.01 0.79 -19.99
CA ASN B 302 29.62 -0.50 -20.57
C ASN B 302 30.51 -0.97 -21.75
N GLU B 303 30.78 -0.07 -22.68
CA GLU B 303 31.61 -0.40 -23.84
C GLU B 303 33.07 -0.68 -23.47
N ALA B 304 33.65 0.13 -22.59
CA ALA B 304 35.05 -0.04 -22.19
C ALA B 304 35.28 -1.41 -21.54
N ASP B 305 34.34 -1.86 -20.74
CA ASP B 305 34.50 -3.14 -20.04
C ASP B 305 34.61 -4.34 -20.97
N LYS B 306 33.98 -4.23 -22.14
CA LYS B 306 34.02 -5.31 -23.14
C LYS B 306 35.43 -5.59 -23.67
N LEU B 307 36.34 -4.63 -23.56
CA LEU B 307 37.70 -4.83 -24.04
C LEU B 307 38.66 -5.46 -23.01
N ILE B 308 38.21 -5.64 -21.77
CA ILE B 308 39.07 -6.22 -20.72
C ILE B 308 39.21 -7.72 -20.88
N GLU B 309 40.45 -8.18 -20.87
CA GLU B 309 40.73 -9.60 -21.06
C GLU B 309 40.45 -10.32 -19.76
N PRO B 310 39.97 -11.56 -19.83
CA PRO B 310 39.67 -12.27 -18.57
C PRO B 310 40.90 -12.68 -17.77
N TRP B 311 40.70 -12.87 -16.48
CA TRP B 311 41.66 -13.53 -15.57
C TRP B 311 42.84 -12.62 -15.20
N THR B 312 42.61 -11.31 -15.23
CA THR B 312 43.55 -10.39 -14.59
C THR B 312 43.14 -10.16 -13.12
N VAL B 313 44.05 -9.53 -12.38
CA VAL B 313 43.84 -9.13 -11.01
C VAL B 313 43.43 -7.67 -11.00
N ALA B 314 42.29 -7.37 -10.38
CA ALA B 314 41.80 -6.01 -10.18
C ALA B 314 41.67 -5.21 -11.48
N PRO B 315 40.95 -5.75 -12.45
CA PRO B 315 40.72 -5.00 -13.69
C PRO B 315 39.91 -3.73 -13.43
N PRO B 316 40.07 -2.69 -14.25
CA PRO B 316 39.35 -1.43 -14.03
C PRO B 316 37.91 -1.47 -14.57
N LEU B 317 37.10 -2.33 -13.97
CA LEU B 317 35.72 -2.56 -14.39
C LEU B 317 34.73 -1.58 -13.76
N LEU B 318 33.66 -1.29 -14.48
CA LEU B 318 32.51 -0.53 -13.97
C LEU B 318 32.88 0.90 -13.58
N GLU B 319 33.90 1.46 -14.22
CA GLU B 319 34.38 2.77 -13.83
C GLU B 319 33.63 3.88 -14.56
N ASP B 320 32.34 4.01 -14.30
CA ASP B 320 31.54 5.10 -14.82
C ASP B 320 32.12 6.41 -14.34
N ILE B 321 32.18 7.38 -15.25
CA ILE B 321 32.52 8.77 -14.91
C ILE B 321 31.24 9.56 -15.02
N TYR B 322 30.73 10.00 -13.87
CA TYR B 322 29.42 10.62 -13.79
C TYR B 322 29.46 12.09 -14.20
N ASN B 323 28.32 12.53 -14.72
CA ASN B 323 28.14 13.92 -15.14
C ASN B 323 27.10 14.62 -14.29
N PHE B 324 26.78 15.86 -14.63
CA PHE B 324 25.91 16.65 -13.78
C PHE B 324 24.47 16.11 -13.78
N GLU B 325 23.94 15.72 -14.94
CA GLU B 325 22.56 15.22 -14.94
C GLU B 325 22.46 13.93 -14.10
N ASP B 326 23.52 13.13 -14.09
CA ASP B 326 23.55 11.96 -13.23
C ASP B 326 23.35 12.36 -11.76
N ALA B 327 24.03 13.44 -11.33
CA ALA B 327 23.87 13.91 -9.95
C ALA B 327 22.44 14.37 -9.67
N LEU B 328 21.78 15.03 -10.64
CA LEU B 328 20.37 15.36 -10.49
C LEU B 328 19.49 14.12 -10.33
N LEU B 329 19.73 13.07 -11.11
CA LEU B 329 18.92 11.86 -10.95
C LEU B 329 19.16 11.21 -9.60
N VAL B 330 20.42 11.12 -9.20
CA VAL B 330 20.74 10.62 -7.87
C VAL B 330 20.03 11.40 -6.77
N GLY B 331 20.00 12.73 -6.90
CA GLY B 331 19.22 13.55 -5.99
C GLY B 331 17.75 13.16 -5.93
N CYS B 332 17.14 12.97 -7.10
CA CYS B 332 15.75 12.53 -7.16
C CYS B 332 15.55 11.14 -6.55
N MET B 333 16.52 10.26 -6.72
CA MET B 333 16.44 8.92 -6.13
C MET B 333 16.51 9.00 -4.60
N LEU B 334 17.38 9.87 -4.09
CA LEU B 334 17.48 10.09 -2.65
C LEU B 334 16.18 10.62 -2.07
N ILE B 335 15.58 11.61 -2.71
CA ILE B 335 14.32 12.16 -2.26
C ILE B 335 13.24 11.04 -2.27
N THR B 336 13.26 10.17 -3.26
CA THR B 336 12.33 9.06 -3.35
C THR B 336 12.53 8.06 -2.19
N LEU B 337 13.77 7.76 -1.84
CA LEU B 337 14.02 6.93 -0.67
C LEU B 337 13.39 7.58 0.57
N MET B 338 13.63 8.89 0.76
CA MET B 338 13.11 9.59 1.94
C MET B 338 11.58 9.58 1.98
N LYS B 339 10.95 9.70 0.80
CA LYS B 339 9.50 9.66 0.66
C LYS B 339 8.95 8.32 1.11
N HIS B 340 9.79 7.30 1.13
CA HIS B 340 9.38 5.97 1.56
C HIS B 340 10.05 5.51 2.83
N ALA B 341 10.38 6.48 3.70
CA ALA B 341 11.06 6.18 4.94
C ALA B 341 10.27 5.27 5.85
N ASP B 342 8.94 5.22 5.66
CA ASP B 342 8.12 4.34 6.45
C ASP B 342 8.39 2.86 6.21
N ARG B 343 8.84 2.50 5.02
CA ARG B 343 9.04 1.09 4.68
C ARG B 343 10.41 0.74 4.12
N VAL B 344 11.19 1.70 3.63
CA VAL B 344 12.56 1.47 3.19
C VAL B 344 13.46 1.87 4.36
N LYS B 345 14.10 0.87 4.96
CA LYS B 345 14.89 1.06 6.17
C LYS B 345 16.37 0.95 5.96
N ILE B 346 16.80 0.32 4.86
CA ILE B 346 18.19 0.19 4.48
C ILE B 346 18.25 0.52 3.00
N ALA B 347 19.29 1.23 2.57
CA ALA B 347 19.54 1.41 1.15
C ALA B 347 21.04 1.51 0.95
N CYS B 348 21.53 1.07 -0.19
CA CYS B 348 22.96 1.03 -0.46
C CYS B 348 23.26 1.56 -1.85
N LEU B 349 23.94 2.72 -1.91
CA LEU B 349 24.47 3.24 -3.16
C LEU B 349 25.50 2.24 -3.67
N ALA B 350 25.28 1.71 -4.86
CA ALA B 350 26.15 0.68 -5.43
C ALA B 350 27.03 1.37 -6.44
N GLN B 351 28.35 1.52 -6.22
CA GLN B 351 29.14 1.07 -5.09
C GLN B 351 29.96 2.26 -4.56
N LEU B 352 30.76 2.06 -3.53
CA LEU B 352 31.32 3.19 -2.75
C LEU B 352 32.62 3.75 -3.34
N VAL B 353 33.45 2.89 -3.92
CA VAL B 353 34.80 3.28 -4.38
C VAL B 353 35.10 2.62 -5.72
N ASN B 354 35.47 3.45 -6.70
CA ASN B 354 35.89 3.09 -8.07
C ASN B 354 34.80 2.50 -8.97
N VAL B 355 34.05 1.51 -8.46
CA VAL B 355 33.03 0.76 -9.15
C VAL B 355 31.72 1.51 -9.00
N ILE B 356 31.24 2.04 -10.11
CA ILE B 356 30.03 2.83 -10.19
C ILE B 356 29.88 3.70 -8.92
N ALA B 357 30.85 4.61 -8.73
CA ALA B 357 31.12 5.11 -7.38
C ALA B 357 31.20 6.63 -7.28
N PRO B 358 30.85 7.16 -6.12
CA PRO B 358 31.02 8.59 -5.86
C PRO B 358 32.47 9.02 -5.58
N ILE B 359 33.33 8.06 -5.27
CA ILE B 359 34.74 8.26 -4.96
C ILE B 359 35.59 7.46 -5.96
N MET B 360 36.54 8.11 -6.61
CA MET B 360 37.42 7.47 -7.58
C MET B 360 38.85 7.66 -7.15
N THR B 361 39.70 6.69 -7.46
CA THR B 361 41.12 6.76 -7.13
C THR B 361 42.00 6.49 -8.34
N GLU B 362 43.22 7.03 -8.26
CA GLU B 362 44.30 6.71 -9.21
C GLU B 362 45.41 6.02 -8.46
N LYS B 363 46.03 5.03 -9.10
CA LYS B 363 47.15 4.30 -8.53
C LYS B 363 48.28 5.27 -8.16
N ASN B 364 48.76 5.18 -6.92
CA ASN B 364 49.85 6.05 -6.43
C ASN B 364 49.51 7.53 -6.59
N GLY B 365 48.22 7.83 -6.68
CA GLY B 365 47.72 9.16 -7.05
C GLY B 365 46.51 9.58 -6.21
N PRO B 366 45.81 10.62 -6.64
CA PRO B 366 44.74 11.19 -5.82
C PRO B 366 43.46 10.40 -5.83
N ALA B 367 42.63 10.72 -4.84
CA ALA B 367 41.25 10.28 -4.77
C ALA B 367 40.38 11.51 -4.94
N TRP B 368 39.27 11.40 -5.67
CA TRP B 368 38.44 12.53 -5.98
C TRP B 368 36.94 12.20 -5.93
N LYS B 369 36.15 13.25 -5.88
CA LYS B 369 34.71 13.21 -5.72
C LYS B 369 34.02 13.37 -7.06
N GLN B 370 33.23 12.36 -7.45
CA GLN B 370 32.42 12.48 -8.63
C GLN B 370 31.23 13.41 -8.44
N THR B 371 30.55 13.78 -9.52
CA THR B 371 29.41 14.68 -9.39
C THR B 371 28.39 14.15 -8.36
N ILE B 372 28.14 12.84 -8.38
CA ILE B 372 27.10 12.22 -7.53
C ILE B 372 27.45 12.21 -6.04
N TYR B 373 28.71 12.46 -5.71
CA TYR B 373 29.14 12.54 -4.31
C TYR B 373 28.32 13.58 -3.58
N TYR B 374 28.08 14.73 -4.21
CA TYR B 374 27.53 15.89 -3.53
C TYR B 374 26.08 15.72 -3.08
N PRO B 375 25.14 15.31 -3.94
CA PRO B 375 23.77 15.12 -3.43
C PRO B 375 23.71 13.99 -2.36
N PHE B 376 24.51 12.95 -2.53
CA PHE B 376 24.53 11.87 -1.54
C PHE B 376 25.02 12.42 -0.19
N MET B 377 26.13 13.16 -0.20
CA MET B 377 26.61 13.79 1.02
C MET B 377 25.53 14.66 1.68
N HIS B 378 24.91 15.53 0.88
CA HIS B 378 23.93 16.44 1.45
C HIS B 378 22.76 15.68 2.07
N ALA B 379 22.28 14.63 1.39
CA ALA B 379 21.19 13.81 1.91
C ALA B 379 21.57 13.13 3.21
N SER B 380 22.74 12.52 3.25
CA SER B 380 23.20 11.80 4.44
C SER B 380 23.43 12.75 5.61
N VAL B 381 24.05 13.90 5.38
CA VAL B 381 24.41 14.84 6.44
C VAL B 381 23.23 15.60 6.96
N TYR B 382 22.38 16.07 6.06
CA TYR B 382 21.27 16.95 6.43
C TYR B 382 19.91 16.26 6.46
N GLY B 383 19.86 14.99 6.10
CA GLY B 383 18.62 14.22 5.95
C GLY B 383 18.34 13.23 7.06
N ARG B 384 18.76 13.54 8.28
CA ARG B 384 18.42 12.75 9.45
C ARG B 384 17.26 13.43 10.17
N GLY B 385 16.27 12.66 10.61
CA GLY B 385 15.09 13.18 11.25
C GLY B 385 13.85 12.48 10.74
N VAL B 386 12.74 13.21 10.72
CA VAL B 386 11.46 12.67 10.28
C VAL B 386 11.13 13.22 8.90
N ALA B 387 10.85 12.32 7.95
CA ALA B 387 10.39 12.70 6.63
C ALA B 387 8.95 13.18 6.74
N LEU B 388 8.67 14.39 6.25
CA LEU B 388 7.34 14.95 6.27
C LEU B 388 6.63 14.67 4.95
N HIS B 389 5.31 14.50 5.01
CA HIS B 389 4.55 14.19 3.82
C HIS B 389 4.51 15.42 2.95
N PRO B 390 5.03 15.35 1.71
CA PRO B 390 4.99 16.52 0.84
C PRO B 390 3.61 16.75 0.24
N VAL B 391 3.18 17.98 0.36
CA VAL B 391 1.94 18.43 -0.20
C VAL B 391 2.35 19.51 -1.19
N ILE B 392 2.35 19.17 -2.46
CA ILE B 392 2.90 20.07 -3.44
C ILE B 392 1.97 20.32 -4.59
N SER B 393 2.02 21.55 -5.10
CA SER B 393 1.43 21.88 -6.39
C SER B 393 2.53 22.38 -7.30
N SER B 394 2.79 21.62 -8.37
CA SER B 394 3.88 21.89 -9.28
C SER B 394 3.39 21.83 -10.72
N PRO B 395 3.98 22.65 -11.59
CA PRO B 395 3.77 22.44 -13.02
C PRO B 395 4.39 21.09 -13.43
N LYS B 396 3.98 20.60 -14.60
CA LYS B 396 4.32 19.25 -15.02
C LYS B 396 4.58 19.15 -16.52
N TYR B 397 5.24 18.06 -16.91
CA TYR B 397 5.49 17.76 -18.32
C TYR B 397 5.33 16.28 -18.62
N ASP B 398 5.21 15.97 -19.91
CA ASP B 398 5.19 14.60 -20.40
C ASP B 398 6.49 14.31 -21.13
N SER B 399 6.98 13.08 -21.02
CA SER B 399 8.14 12.61 -21.74
C SER B 399 7.79 11.28 -22.43
N LYS B 400 8.75 10.71 -23.14
CA LYS B 400 8.59 9.41 -23.82
C LYS B 400 7.85 8.34 -22.99
N ASP B 401 8.32 8.10 -21.77
CA ASP B 401 7.87 6.99 -20.94
C ASP B 401 7.01 7.39 -19.75
N PHE B 402 6.84 8.70 -19.52
CA PHE B 402 6.15 9.20 -18.32
C PHE B 402 5.19 10.33 -18.63
N THR B 403 4.10 10.40 -17.88
CA THR B 403 3.10 11.46 -17.97
C THR B 403 2.97 12.21 -16.65
N ASP B 404 2.69 13.50 -16.73
CA ASP B 404 2.47 14.35 -15.56
C ASP B 404 3.67 14.32 -14.61
N VAL B 405 4.88 14.49 -15.17
CA VAL B 405 6.11 14.54 -14.38
C VAL B 405 6.22 15.93 -13.76
N PRO B 406 6.23 16.05 -12.44
CA PRO B 406 6.35 17.38 -11.83
C PRO B 406 7.75 17.92 -12.07
N TYR B 407 7.84 19.19 -12.44
CA TYR B 407 9.13 19.86 -12.50
C TYR B 407 9.84 19.84 -11.13
N LEU B 408 9.06 19.93 -10.07
CA LEU B 408 9.60 19.89 -8.70
C LEU B 408 9.60 18.47 -8.12
N GLU B 409 10.76 18.00 -7.69
CA GLU B 409 10.89 16.80 -6.87
C GLU B 409 11.42 17.27 -5.52
N SER B 410 10.66 17.11 -4.46
CA SER B 410 11.06 17.67 -3.17
C SER B 410 10.47 16.92 -1.99
N ILE B 411 11.18 17.00 -0.88
CA ILE B 411 10.70 16.58 0.43
C ILE B 411 11.41 17.41 1.50
N ALA B 412 10.74 17.55 2.64
CA ALA B 412 11.33 18.18 3.83
C ALA B 412 11.56 17.15 4.91
N VAL B 413 12.68 17.30 5.63
CA VAL B 413 13.03 16.45 6.75
C VAL B 413 13.19 17.32 7.99
N TYR B 414 12.47 16.99 9.04
CA TYR B 414 12.45 17.74 10.31
C TYR B 414 13.27 16.99 11.34
N ASN B 415 14.31 17.65 11.88
CA ASN B 415 15.13 17.13 12.94
C ASN B 415 14.82 17.91 14.22
N GLU B 416 14.05 17.31 15.10
CA GLU B 416 13.61 17.99 16.30
C GLU B 416 14.77 18.23 17.25
N GLU B 417 15.69 17.29 17.34
CA GLU B 417 16.82 17.44 18.26
C GLU B 417 17.75 18.60 17.87
N LYS B 418 17.93 18.80 16.57
CA LYS B 418 18.77 19.89 16.04
C LYS B 418 17.94 21.18 15.84
N GLU B 419 16.63 21.10 16.00
CA GLU B 419 15.67 22.15 15.67
C GLU B 419 15.86 22.69 14.26
N GLU B 420 15.93 21.77 13.30
CA GLU B 420 16.20 22.08 11.90
C GLU B 420 15.14 21.43 11.01
N VAL B 421 14.82 22.10 9.89
CA VAL B 421 14.06 21.50 8.79
C VAL B 421 14.88 21.68 7.53
N THR B 422 15.07 20.61 6.75
CA THR B 422 15.84 20.68 5.51
C THR B 422 14.93 20.32 4.35
N ILE B 423 14.86 21.20 3.35
CA ILE B 423 14.09 20.97 2.15
C ILE B 423 15.06 20.58 1.05
N PHE B 424 14.91 19.37 0.53
CA PHE B 424 15.65 18.90 -0.63
C PHE B 424 14.80 19.09 -1.86
N ALA B 425 15.32 19.71 -2.90
CA ALA B 425 14.49 20.01 -4.07
C ALA B 425 15.30 19.99 -5.34
N VAL B 426 14.81 19.24 -6.32
CA VAL B 426 15.33 19.28 -7.68
C VAL B 426 14.33 20.01 -8.53
N ASN B 427 14.84 20.94 -9.36
CA ASN B 427 14.08 21.49 -10.47
C ASN B 427 14.52 20.77 -11.74
N ARG B 428 13.61 19.97 -12.30
CA ARG B 428 13.87 19.23 -13.53
C ARG B 428 13.76 20.06 -14.81
N ASP B 429 13.23 21.28 -14.71
CA ASP B 429 13.02 22.11 -15.91
C ASP B 429 14.35 22.38 -16.62
N MET B 430 14.40 22.06 -17.92
CA MET B 430 15.62 22.26 -18.70
C MET B 430 15.80 23.71 -19.19
N GLU B 431 14.78 24.55 -19.04
CA GLU B 431 14.86 25.96 -19.53
C GLU B 431 14.64 27.04 -18.46
N ASP B 432 13.69 26.81 -17.55
CA ASP B 432 13.16 27.86 -16.67
C ASP B 432 13.48 27.59 -15.21
N ALA B 433 13.77 28.66 -14.48
CA ALA B 433 13.81 28.60 -13.03
C ALA B 433 12.41 28.32 -12.47
N LEU B 434 12.35 27.76 -11.27
CA LEU B 434 11.11 27.49 -10.56
C LEU B 434 11.06 28.32 -9.27
N LEU B 435 9.99 29.10 -9.11
CA LEU B 435 9.81 29.93 -7.91
C LEU B 435 9.02 29.11 -6.90
N LEU B 436 9.72 28.56 -5.92
CA LEU B 436 9.14 27.72 -4.90
C LEU B 436 8.67 28.58 -3.75
N GLU B 437 7.43 28.38 -3.30
CA GLU B 437 6.89 28.99 -2.11
C GLU B 437 6.52 27.89 -1.13
N CYS B 438 7.10 27.92 0.07
CA CYS B 438 6.89 26.92 1.10
C CYS B 438 6.17 27.51 2.31
N ASP B 439 5.02 26.95 2.64
CA ASP B 439 4.25 27.35 3.80
C ASP B 439 4.87 26.73 5.04
N VAL B 440 5.47 27.57 5.88
CA VAL B 440 6.14 27.14 7.10
C VAL B 440 5.48 27.68 8.39
N ARG B 441 4.18 27.95 8.34
CA ARG B 441 3.41 28.36 9.53
C ARG B 441 3.63 27.44 10.74
N SER B 442 3.78 26.13 10.49
CA SER B 442 3.88 25.17 11.59
C SER B 442 5.25 25.14 12.24
N PHE B 443 6.20 25.89 11.69
CA PHE B 443 7.56 26.04 12.21
C PHE B 443 7.83 27.50 12.58
N GLU B 444 7.17 27.95 13.64
CA GLU B 444 7.33 29.32 14.13
C GLU B 444 8.74 29.55 14.61
N ASP B 445 9.25 30.74 14.35
CA ASP B 445 10.60 31.16 14.75
C ASP B 445 11.72 30.49 13.97
N TYR B 446 11.40 29.68 12.96
CA TYR B 446 12.43 29.17 12.08
C TYR B 446 12.88 30.23 11.08
N ARG B 447 14.18 30.24 10.80
CA ARG B 447 14.84 31.18 9.89
C ARG B 447 15.56 30.37 8.84
N VAL B 448 15.88 30.98 7.72
CA VAL B 448 16.75 30.34 6.74
C VAL B 448 18.20 30.38 7.27
N ILE B 449 18.84 29.22 7.29
CA ILE B 449 20.24 29.07 7.60
C ILE B 449 21.09 29.23 6.35
N GLU B 450 20.79 28.44 5.32
CA GLU B 450 21.53 28.46 4.07
C GLU B 450 20.73 27.81 2.94
N HIS B 451 21.11 28.11 1.71
CA HIS B 451 20.54 27.53 0.50
C HIS B 451 21.71 27.09 -0.38
N ILE B 452 21.97 25.78 -0.41
CA ILE B 452 23.01 25.17 -1.21
C ILE B 452 22.44 24.82 -2.57
N VAL B 453 23.22 25.04 -3.63
CA VAL B 453 22.80 24.76 -5.01
C VAL B 453 23.89 24.00 -5.73
N LEU B 454 23.49 22.91 -6.40
CA LEU B 454 24.36 22.22 -7.33
C LEU B 454 23.76 22.41 -8.72
N GLU B 455 24.49 23.11 -9.56
CA GLU B 455 24.05 23.40 -10.93
C GLU B 455 25.26 23.50 -11.85
N HIS B 456 25.02 23.20 -13.12
CA HIS B 456 26.02 23.45 -14.15
C HIS B 456 25.33 23.60 -15.49
N ASP B 457 25.84 24.49 -16.33
CA ASP B 457 25.16 24.76 -17.59
C ASP B 457 25.20 23.57 -18.56
N ASN B 458 26.16 22.67 -18.40
CA ASN B 458 26.32 21.52 -19.28
C ASN B 458 26.02 20.24 -18.50
N VAL B 459 24.87 19.64 -18.77
CA VAL B 459 24.50 18.39 -18.08
C VAL B 459 25.50 17.27 -18.28
N LYS B 460 26.29 17.29 -19.36
CA LYS B 460 27.27 16.25 -19.63
C LYS B 460 28.63 16.48 -19.01
N GLN B 461 28.78 17.59 -18.28
CA GLN B 461 30.05 17.90 -17.65
C GLN B 461 30.34 16.92 -16.51
N THR B 462 31.58 16.44 -16.46
CA THR B 462 32.05 15.51 -15.42
C THR B 462 33.09 16.20 -14.52
N ASN B 463 33.41 15.56 -13.41
CA ASN B 463 34.56 15.91 -12.61
C ASN B 463 35.69 14.94 -12.94
N SER B 464 36.89 15.24 -12.46
CA SER B 464 38.06 14.43 -12.74
C SER B 464 39.10 14.65 -11.64
N ALA B 465 40.19 13.90 -11.67
CA ALA B 465 41.26 14.10 -10.71
C ALA B 465 41.89 15.50 -10.87
N GLN B 466 41.85 16.02 -12.08
CA GLN B 466 42.52 17.29 -12.39
C GLN B 466 41.67 18.54 -12.10
N SER B 467 40.34 18.43 -12.19
CA SER B 467 39.46 19.56 -11.93
C SER B 467 38.02 19.14 -11.69
N SER B 468 37.32 19.94 -10.89
CA SER B 468 35.95 19.65 -10.51
C SER B 468 35.08 20.87 -10.78
N PRO B 469 34.67 21.03 -12.02
CA PRO B 469 33.77 22.13 -12.40
C PRO B 469 32.37 22.01 -11.80
N VAL B 470 31.96 20.80 -11.45
CA VAL B 470 30.64 20.55 -10.89
C VAL B 470 30.77 20.41 -9.37
N VAL B 471 30.48 21.49 -8.66
CA VAL B 471 30.60 21.54 -7.21
C VAL B 471 29.54 22.47 -6.63
N PRO B 472 29.09 22.23 -5.41
CA PRO B 472 28.04 23.07 -4.82
C PRO B 472 28.51 24.50 -4.53
N HIS B 473 27.56 25.41 -4.52
CA HIS B 473 27.81 26.76 -3.98
C HIS B 473 26.68 27.10 -3.02
N ARG B 474 26.81 28.20 -2.29
CA ARG B 474 25.84 28.61 -1.28
C ARG B 474 25.14 29.92 -1.66
N ASN B 475 24.98 30.15 -2.95
CA ASN B 475 24.37 31.42 -3.41
C ASN B 475 22.89 31.33 -3.67
N GLY B 476 22.26 30.29 -3.15
CA GLY B 476 20.82 30.20 -3.22
C GLY B 476 20.13 31.36 -2.50
N ASP B 477 19.00 31.80 -3.07
CA ASP B 477 18.31 33.00 -2.58
C ASP B 477 17.16 32.76 -1.58
N ALA B 478 17.02 31.55 -1.03
CA ALA B 478 15.89 31.29 -0.17
C ALA B 478 15.78 32.37 0.91
N GLN B 479 14.56 32.79 1.16
CA GLN B 479 14.28 33.85 2.14
C GLN B 479 12.92 33.65 2.78
N LEU B 480 12.84 34.05 4.05
CA LEU B 480 11.64 33.96 4.85
C LEU B 480 10.96 35.32 4.93
N SER B 481 9.66 35.34 4.68
CA SER B 481 8.83 36.53 4.89
C SER B 481 7.40 36.04 5.17
N ASP B 482 6.80 36.53 6.25
CA ASP B 482 5.39 36.23 6.55
C ASP B 482 5.06 34.72 6.52
N ARG B 483 5.86 33.93 7.24
CA ARG B 483 5.62 32.49 7.43
C ARG B 483 5.70 31.69 6.13
N LYS B 484 6.45 32.19 5.16
CA LYS B 484 6.58 31.59 3.85
C LYS B 484 8.07 31.65 3.46
N VAL B 485 8.64 30.54 3.07
CA VAL B 485 9.99 30.56 2.49
C VAL B 485 9.86 30.56 0.97
N SER B 486 10.43 31.57 0.34
CA SER B 486 10.44 31.69 -1.12
C SER B 486 11.85 31.49 -1.62
N ALA B 487 12.01 30.62 -2.60
CA ALA B 487 13.32 30.27 -3.11
C ALA B 487 13.25 30.10 -4.61
N THR B 488 14.22 30.68 -5.32
CA THR B 488 14.39 30.44 -6.73
C THR B 488 15.22 29.17 -6.92
N LEU B 489 14.67 28.19 -7.63
CA LEU B 489 15.39 26.96 -7.96
C LEU B 489 15.85 27.09 -9.41
N PRO B 490 17.14 27.28 -9.67
CA PRO B 490 17.57 27.45 -11.07
C PRO B 490 17.16 26.26 -11.92
N LYS B 491 17.06 26.47 -13.23
CA LYS B 491 16.86 25.38 -14.16
C LYS B 491 17.87 24.27 -13.87
N LEU B 492 17.43 23.02 -13.97
CA LEU B 492 18.28 21.85 -13.78
C LEU B 492 19.20 22.01 -12.56
N SER B 493 18.62 22.00 -11.37
CA SER B 493 19.38 22.21 -10.16
C SER B 493 18.94 21.28 -9.05
N TRP B 494 19.90 20.99 -8.18
CA TRP B 494 19.70 20.33 -6.88
C TRP B 494 19.88 21.40 -5.82
N ASN B 495 18.94 21.44 -4.87
CA ASN B 495 18.87 22.50 -3.86
C ASN B 495 18.68 21.89 -2.49
N VAL B 496 19.37 22.45 -1.50
CA VAL B 496 19.23 22.08 -0.12
C VAL B 496 18.99 23.36 0.66
N ILE B 497 17.76 23.55 1.09
CA ILE B 497 17.32 24.74 1.83
C ILE B 497 17.20 24.39 3.27
N ARG B 498 18.12 24.90 4.09
CA ARG B 498 18.17 24.57 5.49
C ARG B 498 17.56 25.66 6.33
N LEU B 499 16.62 25.31 7.20
CA LEU B 499 15.94 26.18 8.13
C LEU B 499 16.24 25.77 9.57
N GLY B 500 16.24 26.73 10.49
CA GLY B 500 16.52 26.39 11.88
C GLY B 500 15.94 27.39 12.83
N LYS B 501 15.65 26.91 14.04
CA LYS B 501 15.20 27.69 15.19
C LYS B 501 13.91 27.16 15.81
#